data_8H3S
#
_entry.id   8H3S
#
_cell.length_a   1.00
_cell.length_b   1.00
_cell.length_c   1.00
_cell.angle_alpha   90.00
_cell.angle_beta   90.00
_cell.angle_gamma   90.00
#
_symmetry.space_group_name_H-M   'P 1'
#
loop_
_entity.id
_entity.type
_entity.pdbx_description
1 polymer 'Enteropeptidase non-catalytic heavy chain'
2 polymer 'Enteropeptidase catalytic light chain'
3 polymer 'Serine protease 1'
#
loop_
_entity_poly.entity_id
_entity_poly.type
_entity_poly.pdbx_seq_one_letter_code
_entity_poly.pdbx_strand_id
1 'polypeptide(L)'
;ECLPGSSPCTDALTCIKADLFCDGEVNCPDGSDEDNKMCATVCDGRFLLTGSSGSFQATHYPKPSETSVVCQWIIRVNQG
LSIKLSFDDFNTYYTDILDIYEGVGSSKILRASIWETNPGTIRIFSNQVTATFLIESDESDYVGFNATYTAFNSSELNNY
EKINCNFEDGFCFWVQDLNDDNEWERIQGSTFSPFTGPNFDHTFGNASGFYISTPTGPGGRQERVGLLSLPLDPTLEPAC
LSFWYHMYGENVHKLSINISNDQNMEKTVFQKEGNYGDNWNYGQVTLNETVKFKVAFNAFKNKILSDIALDDISLTYGIC
NGSLYPEPTLVPTPPPELPTDCGGPFELWEPNTTFSSTNFPNSYPNLAFCVWILNAQKGKNIQLHFQEFDLENINDVVEI
RDGEEADSLLLAVYTGPGPVKDVFSTTNRMTVLLITNDVLARGGFKANFTTGYHLGIPEPCKADHFQCKNGECVPLVNLC
DGHLHCEDGSDEADCVRFFNGTTNNNGLVRFRIQSIWHTACAENWTTQISNDVCQLLGLGSGNSSKPIFPTDGGPFVKLN
TAPDGHLILTPSQQCLQDSLIRLQCNHKSCGKKLAAQDITPK
;
A
2 'polypeptide(L)'
;IVGGSNAKEGAWPWVVGLYYGGRLLCGASLVSSDWLVSAAACVYGRNLEPSKWTAILGLHMKSNLTSPQTVPRLIDEIVI
NPHYNRRRKDNAIAMMHLEFKVNYTDYIQPICLPEENQVFPPGRNCSIAGWGTVVYQGTTANILQEADVPLLSNERCQQQ
MPEYNITENMICAGYEEGGIDSCQGDAGGPLMCQENNRWFLAGVTSFGYKCALPNRPGVYARVSRFTEWIQSFLH
;
B
3 'polypeptide(L)'
;APFDDDDKIVGGYNCEENSVPYQVSLNSGYHFCGGSLINEQWVVSAGHCYKSRIQVRLGEHNIEVLEGNEQFINAAKIIR
HPQYDRKTLNNDIMLIKLSSRAVINARVSTISLPTAPPATGTKCLISGWGNTASSGADYPDELQCLDAPVLSQAKCEASY
PGKITSNMFCVGFLEGGKDSCQGDSGGPVVCNGQLQGVVSWGDGCAQKNKPGVYTKVYNYVKWIKNTIAANS
;
C
#
# COMPACT_ATOMS: atom_id res chain seq x y z
N SER A 154 -26.34 -49.75 30.83
CA SER A 154 -24.89 -49.63 30.94
C SER A 154 -24.20 -50.91 30.52
N SER A 155 -24.30 -51.94 31.37
CA SER A 155 -23.67 -53.23 31.05
C SER A 155 -24.41 -53.94 29.93
N GLU A 156 -25.73 -53.93 29.97
CA GLU A 156 -26.52 -54.59 28.92
C GLU A 156 -26.45 -53.86 27.60
N LEU A 157 -26.08 -52.58 27.60
CA LEU A 157 -25.97 -51.83 26.36
C LEU A 157 -24.76 -52.30 25.57
N ASN A 158 -24.98 -52.65 24.30
CA ASN A 158 -23.90 -53.16 23.47
C ASN A 158 -22.91 -52.05 23.14
N ASN A 159 -21.64 -52.44 22.99
CA ASN A 159 -20.58 -51.48 22.72
C ASN A 159 -20.58 -50.99 21.27
N TYR A 160 -21.01 -51.83 20.34
CA TYR A 160 -21.03 -51.44 18.94
C TYR A 160 -21.99 -50.28 18.71
N GLU A 161 -23.24 -50.42 19.15
CA GLU A 161 -24.20 -49.33 19.00
C GLU A 161 -23.78 -48.08 19.75
N LYS A 162 -22.98 -48.24 20.82
CA LYS A 162 -22.44 -47.09 21.51
C LYS A 162 -21.39 -46.37 20.67
N ILE A 163 -20.52 -47.13 20.01
CA ILE A 163 -19.44 -46.54 19.22
C ILE A 163 -19.90 -46.31 17.78
N ASN A 164 -20.29 -47.39 17.11
CA ASN A 164 -20.71 -47.29 15.72
C ASN A 164 -21.99 -46.48 15.62
N CYS A 165 -21.97 -45.45 14.77
CA CYS A 165 -23.10 -44.55 14.62
C CYS A 165 -23.08 -43.96 13.22
N ASN A 166 -24.24 -43.95 12.57
CA ASN A 166 -24.37 -43.36 11.24
C ASN A 166 -24.69 -41.88 11.28
N PHE A 167 -25.22 -41.39 12.42
CA PHE A 167 -25.63 -40.00 12.63
C PHE A 167 -26.30 -39.42 11.38
N GLU A 168 -27.36 -40.10 10.94
CA GLU A 168 -28.15 -39.62 9.82
C GLU A 168 -29.17 -38.58 10.28
N ASP A 169 -30.03 -38.96 11.23
CA ASP A 169 -30.97 -38.03 11.82
C ASP A 169 -30.42 -37.29 13.03
N GLY A 170 -29.48 -37.91 13.74
CA GLY A 170 -28.89 -37.30 14.92
C GLY A 170 -27.83 -38.19 15.50
N PHE A 171 -27.07 -37.62 16.43
CA PHE A 171 -25.99 -38.37 17.08
C PHE A 171 -26.56 -39.47 17.96
N CYS A 172 -25.82 -40.57 18.05
CA CYS A 172 -26.18 -41.68 18.93
C CYS A 172 -25.72 -41.35 20.35
N PHE A 173 -25.76 -42.35 21.23
CA PHE A 173 -25.28 -42.19 22.60
C PHE A 173 -23.77 -42.05 22.57
N TRP A 174 -23.28 -40.81 22.65
CA TRP A 174 -21.86 -40.53 22.54
C TRP A 174 -21.50 -39.40 23.49
N VAL A 175 -20.20 -39.13 23.58
CA VAL A 175 -19.66 -38.01 24.35
C VAL A 175 -18.68 -37.29 23.43
N GLN A 176 -19.15 -36.23 22.76
CA GLN A 176 -18.37 -35.57 21.72
C GLN A 176 -17.52 -34.43 22.28
N ASP A 177 -18.16 -33.43 22.87
CA ASP A 177 -17.44 -32.28 23.41
C ASP A 177 -18.27 -31.63 24.50
N LEU A 178 -17.72 -31.53 25.70
CA LEU A 178 -18.39 -30.85 26.81
C LEU A 178 -17.49 -29.88 27.58
N ASN A 179 -16.17 -29.96 27.43
CA ASN A 179 -15.26 -29.11 28.18
C ASN A 179 -14.38 -28.23 27.30
N ASP A 180 -13.97 -28.70 26.13
CA ASP A 180 -13.09 -27.92 25.28
C ASP A 180 -13.81 -26.72 24.69
N ASP A 181 -13.06 -25.91 23.93
CA ASP A 181 -13.58 -24.66 23.36
C ASP A 181 -14.08 -24.84 21.93
N ASN A 182 -14.49 -26.04 21.56
CA ASN A 182 -15.00 -26.28 20.21
C ASN A 182 -15.89 -27.51 20.23
N GLU A 183 -16.93 -27.49 19.40
CA GLU A 183 -17.92 -28.56 19.34
C GLU A 183 -18.13 -28.96 17.89
N TRP A 184 -17.98 -30.25 17.59
CA TRP A 184 -18.11 -30.73 16.23
C TRP A 184 -19.50 -30.48 15.68
N GLU A 185 -19.60 -30.37 14.36
CA GLU A 185 -20.86 -30.14 13.68
C GLU A 185 -21.06 -31.22 12.61
N ARG A 186 -22.28 -31.32 12.11
CA ARG A 186 -22.64 -32.29 11.09
C ARG A 186 -23.05 -31.55 9.81
N ILE A 187 -22.56 -32.03 8.68
CA ILE A 187 -22.81 -31.40 7.38
C ILE A 187 -23.66 -32.34 6.54
N GLN A 188 -24.79 -31.84 6.05
CA GLN A 188 -25.69 -32.62 5.21
C GLN A 188 -25.24 -32.47 3.76
N GLY A 189 -24.27 -33.30 3.37
CA GLY A 189 -23.76 -33.27 2.01
C GLY A 189 -22.85 -32.08 1.76
N SER A 190 -23.44 -30.89 1.74
CA SER A 190 -22.70 -29.66 1.53
C SER A 190 -23.25 -28.58 2.44
N THR A 191 -22.50 -27.49 2.55
CA THR A 191 -22.87 -26.36 3.40
C THR A 191 -22.15 -25.13 2.87
N PHE A 192 -22.14 -24.06 3.67
CA PHE A 192 -21.43 -22.85 3.28
C PHE A 192 -19.91 -23.11 3.30
N SER A 193 -19.15 -22.09 2.87
CA SER A 193 -17.70 -22.22 2.72
C SER A 193 -17.37 -23.39 1.80
N PRO A 194 -17.39 -23.18 0.48
CA PRO A 194 -17.25 -24.30 -0.46
C PRO A 194 -15.91 -25.01 -0.32
N PHE A 195 -15.79 -26.11 -1.07
CA PHE A 195 -14.63 -27.00 -1.00
C PHE A 195 -14.47 -27.62 0.38
N THR A 196 -15.59 -27.90 1.04
CA THR A 196 -15.57 -28.49 2.39
C THR A 196 -15.57 -30.02 2.24
N GLY A 197 -14.43 -30.55 1.80
CA GLY A 197 -14.26 -31.97 1.62
C GLY A 197 -15.16 -32.53 0.55
N PRO A 198 -16.03 -33.46 0.93
CA PRO A 198 -16.93 -34.09 -0.03
C PRO A 198 -18.26 -33.35 -0.12
N ASN A 199 -19.05 -33.73 -1.12
CA ASN A 199 -20.39 -33.21 -1.30
C ASN A 199 -21.47 -34.18 -0.86
N PHE A 200 -21.08 -35.32 -0.29
CA PHE A 200 -22.04 -36.34 0.13
C PHE A 200 -21.33 -37.30 1.09
N ASP A 201 -22.13 -38.16 1.72
CA ASP A 201 -21.61 -39.13 2.67
C ASP A 201 -21.19 -40.40 1.94
N HIS A 202 -20.90 -41.46 2.70
CA HIS A 202 -20.52 -42.73 2.12
C HIS A 202 -21.71 -43.67 1.91
N THR A 203 -22.72 -43.59 2.77
CA THR A 203 -23.87 -44.48 2.67
C THR A 203 -24.84 -44.02 1.59
N PHE A 204 -25.41 -42.83 1.75
CA PHE A 204 -26.37 -42.33 0.77
C PHE A 204 -25.65 -41.87 -0.50
N GLY A 205 -24.79 -40.87 -0.37
CA GLY A 205 -23.90 -40.46 -1.45
C GLY A 205 -24.52 -39.61 -2.52
N ASN A 206 -25.79 -39.21 -2.40
CA ASN A 206 -26.45 -38.40 -3.42
C ASN A 206 -27.08 -37.16 -2.77
N ALA A 207 -26.26 -36.13 -2.59
CA ALA A 207 -26.71 -34.78 -2.27
C ALA A 207 -27.49 -34.68 -0.97
N SER A 208 -27.60 -35.78 -0.22
CA SER A 208 -28.39 -35.76 1.01
C SER A 208 -27.74 -36.55 2.14
N GLY A 209 -26.43 -36.83 2.07
CA GLY A 209 -25.79 -37.63 3.10
C GLY A 209 -25.34 -36.78 4.27
N PHE A 210 -25.55 -37.30 5.47
CA PHE A 210 -25.11 -36.65 6.70
C PHE A 210 -23.75 -37.21 7.13
N TYR A 211 -22.78 -36.33 7.33
CA TYR A 211 -21.45 -36.73 7.76
C TYR A 211 -20.87 -35.66 8.66
N ILE A 212 -20.14 -36.09 9.69
CA ILE A 212 -19.52 -35.15 10.62
C ILE A 212 -18.24 -34.60 10.00
N SER A 213 -17.94 -33.34 10.33
CA SER A 213 -16.77 -32.66 9.80
C SER A 213 -16.41 -31.53 10.75
N THR A 214 -15.54 -30.62 10.30
CA THR A 214 -15.15 -29.48 11.11
C THR A 214 -16.37 -28.63 11.44
N PRO A 215 -16.37 -27.97 12.61
CA PRO A 215 -17.56 -27.19 12.99
C PRO A 215 -17.87 -26.05 12.04
N THR A 216 -16.86 -25.33 11.56
CA THR A 216 -17.09 -24.20 10.66
C THR A 216 -16.11 -24.26 9.48
N GLY A 217 -16.07 -23.18 8.70
CA GLY A 217 -15.17 -23.09 7.57
C GLY A 217 -13.95 -22.25 7.89
N PRO A 218 -13.95 -21.00 7.45
CA PRO A 218 -12.82 -20.11 7.75
C PRO A 218 -12.79 -19.69 9.21
N GLY A 219 -11.84 -20.24 9.96
CA GLY A 219 -11.72 -19.90 11.37
C GLY A 219 -10.70 -18.81 11.61
N GLY A 220 -11.00 -17.95 12.58
CA GLY A 220 -10.08 -16.86 12.90
C GLY A 220 -8.80 -17.36 13.55
N ARG A 221 -8.90 -18.37 14.40
CA ARG A 221 -7.74 -18.94 15.08
C ARG A 221 -7.95 -20.44 15.22
N GLN A 222 -7.09 -21.09 16.00
CA GLN A 222 -7.12 -22.53 16.16
C GLN A 222 -8.03 -22.94 17.31
N GLU A 223 -8.72 -24.06 17.12
CA GLU A 223 -9.61 -24.62 18.14
C GLU A 223 -9.32 -26.11 18.29
N ARG A 224 -9.10 -26.55 19.53
CA ARG A 224 -8.82 -27.95 19.81
C ARG A 224 -10.13 -28.71 19.94
N VAL A 225 -10.37 -29.65 19.03
CA VAL A 225 -11.57 -30.47 19.03
C VAL A 225 -11.16 -31.91 19.33
N GLY A 226 -11.74 -32.49 20.38
CA GLY A 226 -11.41 -33.85 20.75
C GLY A 226 -12.63 -34.72 21.00
N LEU A 227 -12.77 -35.79 20.22
CA LEU A 227 -13.87 -36.72 20.40
C LEU A 227 -13.57 -37.65 21.56
N LEU A 228 -14.35 -37.56 22.63
CA LEU A 228 -14.13 -38.35 23.83
C LEU A 228 -14.81 -39.71 23.71
N SER A 229 -14.54 -40.57 24.68
CA SER A 229 -15.11 -41.91 24.71
C SER A 229 -15.15 -42.38 26.16
N LEU A 230 -15.39 -43.67 26.36
CA LEU A 230 -15.48 -44.26 27.70
C LEU A 230 -14.95 -45.68 27.64
N PRO A 231 -14.45 -46.22 28.74
CA PRO A 231 -13.99 -47.61 28.75
C PRO A 231 -15.13 -48.57 28.47
N LEU A 232 -14.77 -49.76 28.02
CA LEU A 232 -15.71 -50.81 27.64
C LEU A 232 -15.46 -52.06 28.46
N ASP A 233 -16.16 -53.13 28.12
CA ASP A 233 -16.00 -54.40 28.81
C ASP A 233 -14.63 -55.00 28.50
N PRO A 234 -14.08 -55.80 29.44
CA PRO A 234 -12.78 -56.43 29.18
C PRO A 234 -12.85 -57.43 28.05
N THR A 235 -12.11 -57.16 26.98
CA THR A 235 -12.06 -58.03 25.81
C THR A 235 -10.66 -58.59 25.65
N LEU A 236 -10.58 -59.91 25.44
CA LEU A 236 -9.28 -60.55 25.26
C LEU A 236 -8.69 -60.21 23.89
N GLU A 237 -9.47 -60.41 22.84
CA GLU A 237 -9.02 -60.12 21.49
C GLU A 237 -9.02 -58.61 21.23
N PRO A 238 -8.19 -58.13 20.29
CA PRO A 238 -8.18 -56.70 19.98
C PRO A 238 -9.48 -56.23 19.35
N ALA A 239 -9.59 -54.93 19.09
CA ALA A 239 -10.80 -54.32 18.56
C ALA A 239 -10.54 -53.79 17.16
N CYS A 240 -11.18 -54.39 16.16
CA CYS A 240 -11.08 -53.91 14.80
C CYS A 240 -11.84 -52.60 14.65
N LEU A 241 -11.16 -51.57 14.14
CA LEU A 241 -11.75 -50.25 13.94
C LEU A 241 -11.75 -49.94 12.45
N SER A 242 -12.93 -50.00 11.83
CA SER A 242 -13.09 -49.72 10.41
C SER A 242 -13.67 -48.32 10.23
N PHE A 243 -13.05 -47.51 9.39
CA PHE A 243 -13.49 -46.15 9.14
C PHE A 243 -12.85 -45.67 7.84
N TRP A 244 -13.36 -44.54 7.34
CA TRP A 244 -12.84 -43.93 6.12
C TRP A 244 -12.85 -42.42 6.30
N TYR A 245 -11.66 -41.83 6.35
CA TYR A 245 -11.51 -40.39 6.51
C TYR A 245 -11.50 -39.70 5.14
N HIS A 246 -11.64 -38.38 5.17
CA HIS A 246 -11.67 -37.55 3.98
C HIS A 246 -10.78 -36.33 4.16
N MET A 247 -9.56 -36.56 4.63
CA MET A 247 -8.62 -35.47 4.90
C MET A 247 -8.24 -34.78 3.60
N TYR A 248 -8.45 -33.47 3.54
CA TYR A 248 -8.12 -32.68 2.37
C TYR A 248 -8.04 -31.21 2.76
N GLY A 249 -7.13 -30.48 2.12
CA GLY A 249 -6.98 -29.07 2.41
C GLY A 249 -5.54 -28.60 2.35
N GLU A 250 -5.33 -27.28 2.37
CA GLU A 250 -4.00 -26.70 2.29
C GLU A 250 -3.40 -26.40 3.65
N ASN A 251 -4.21 -25.97 4.62
CA ASN A 251 -3.74 -25.70 5.97
C ASN A 251 -4.18 -26.78 6.96
N VAL A 252 -4.23 -28.04 6.53
CA VAL A 252 -4.67 -29.11 7.42
C VAL A 252 -3.66 -29.29 8.55
N HIS A 253 -4.18 -29.68 9.71
CA HIS A 253 -3.37 -29.93 10.90
C HIS A 253 -3.40 -31.41 11.23
N LYS A 254 -2.65 -31.78 12.28
CA LYS A 254 -2.54 -33.17 12.69
C LYS A 254 -3.66 -33.54 13.65
N LEU A 255 -3.98 -34.83 13.67
CA LEU A 255 -4.97 -35.38 14.60
C LEU A 255 -4.42 -36.66 15.20
N SER A 256 -4.65 -36.85 16.49
CA SER A 256 -4.11 -37.98 17.23
C SER A 256 -5.22 -38.74 17.95
N ILE A 257 -4.92 -39.97 18.31
CA ILE A 257 -5.83 -40.83 19.07
C ILE A 257 -5.06 -41.28 20.31
N ASN A 258 -5.36 -40.65 21.45
CA ASN A 258 -4.66 -40.93 22.69
C ASN A 258 -5.47 -41.86 23.58
N ILE A 259 -4.78 -42.48 24.53
CA ILE A 259 -5.39 -43.40 25.49
C ILE A 259 -5.06 -42.91 26.89
N SER A 260 -6.07 -42.78 27.73
CA SER A 260 -5.91 -42.30 29.09
C SER A 260 -6.39 -43.35 30.08
N ASN A 261 -6.00 -43.18 31.33
CA ASN A 261 -6.37 -44.10 32.40
C ASN A 261 -6.55 -43.30 33.69
N ASP A 262 -6.76 -44.01 34.80
CA ASP A 262 -6.97 -43.39 36.10
C ASP A 262 -5.65 -43.13 36.84
N GLN A 263 -4.53 -43.08 36.13
CA GLN A 263 -3.23 -42.84 36.74
C GLN A 263 -2.50 -41.67 36.08
N ASN A 264 -3.22 -40.84 35.31
CA ASN A 264 -2.65 -39.68 34.63
C ASN A 264 -1.50 -40.08 33.70
N MET A 265 -1.82 -40.98 32.77
CA MET A 265 -0.87 -41.47 31.79
C MET A 265 -1.50 -41.46 30.41
N GLU A 266 -0.83 -40.81 29.46
CA GLU A 266 -1.33 -40.71 28.09
C GLU A 266 -0.27 -41.23 27.13
N LYS A 267 -0.74 -41.72 25.98
CA LYS A 267 0.11 -42.22 24.92
C LYS A 267 -0.33 -41.64 23.59
N THR A 268 0.65 -41.33 22.73
CA THR A 268 0.37 -40.74 21.43
C THR A 268 1.21 -41.47 20.38
N VAL A 269 0.56 -42.30 19.58
CA VAL A 269 1.25 -43.04 18.52
C VAL A 269 0.64 -42.83 17.14
N PHE A 270 -0.60 -42.38 17.03
CA PHE A 270 -1.26 -42.19 15.74
C PHE A 270 -1.29 -40.70 15.40
N GLN A 271 -0.89 -40.38 14.17
CA GLN A 271 -0.90 -39.00 13.69
C GLN A 271 -0.78 -38.96 12.17
N LYS A 272 -1.67 -38.20 11.51
CA LYS A 272 -1.65 -38.05 10.07
C LYS A 272 -1.97 -36.61 9.70
N GLU A 273 -1.41 -36.16 8.59
CA GLU A 273 -1.67 -34.83 8.06
C GLU A 273 -1.38 -34.83 6.57
N GLY A 274 -2.20 -34.11 5.81
CA GLY A 274 -2.07 -34.01 4.38
C GLY A 274 -3.39 -34.28 3.69
N ASN A 275 -3.35 -34.31 2.36
CA ASN A 275 -4.53 -34.54 1.53
C ASN A 275 -4.53 -35.99 1.07
N TYR A 276 -5.52 -36.76 1.55
CA TYR A 276 -5.67 -38.16 1.17
C TYR A 276 -6.75 -38.24 0.09
N GLY A 277 -6.34 -38.08 -1.16
CA GLY A 277 -7.25 -38.18 -2.29
C GLY A 277 -8.41 -37.21 -2.24
N ASP A 278 -9.56 -37.62 -2.77
CA ASP A 278 -10.75 -36.77 -2.80
C ASP A 278 -11.97 -37.54 -2.31
N ASN A 279 -11.84 -38.86 -2.19
CA ASN A 279 -12.91 -39.71 -1.72
C ASN A 279 -12.58 -40.24 -0.32
N TRP A 280 -13.44 -41.12 0.19
CA TRP A 280 -13.21 -41.70 1.51
C TRP A 280 -12.09 -42.73 1.44
N ASN A 281 -11.05 -42.54 2.24
CA ASN A 281 -9.89 -43.42 2.26
C ASN A 281 -10.05 -44.42 3.39
N TYR A 282 -10.15 -45.70 3.04
CA TYR A 282 -10.36 -46.74 4.04
C TYR A 282 -9.15 -46.85 4.96
N GLY A 283 -9.42 -46.99 6.26
CA GLY A 283 -8.37 -47.16 7.24
C GLY A 283 -8.79 -48.14 8.31
N GLN A 284 -7.78 -48.76 8.93
CA GLN A 284 -8.00 -49.75 9.97
C GLN A 284 -6.88 -49.67 10.99
N VAL A 285 -7.24 -49.84 12.26
CA VAL A 285 -6.26 -49.81 13.35
C VAL A 285 -6.82 -50.64 14.50
N THR A 286 -5.95 -51.45 15.11
CA THR A 286 -6.35 -52.32 16.20
C THR A 286 -6.13 -51.60 17.54
N LEU A 287 -6.52 -52.27 18.63
CA LEU A 287 -6.42 -51.73 19.97
C LEU A 287 -5.84 -52.79 20.90
N ASN A 288 -4.78 -52.42 21.63
CA ASN A 288 -4.14 -53.31 22.59
C ASN A 288 -4.57 -52.98 24.02
N GLU A 289 -5.81 -52.57 24.21
CA GLU A 289 -6.35 -52.19 25.50
C GLU A 289 -7.20 -53.32 26.06
N THR A 290 -6.98 -53.66 27.33
CA THR A 290 -7.61 -54.82 27.95
C THR A 290 -8.81 -54.45 28.82
N VAL A 291 -8.60 -53.62 29.84
CA VAL A 291 -9.64 -53.36 30.82
C VAL A 291 -9.95 -51.86 30.91
N LYS A 292 -8.94 -51.07 31.29
CA LYS A 292 -9.12 -49.64 31.52
C LYS A 292 -8.52 -48.87 30.35
N PHE A 293 -9.36 -48.12 29.64
CA PHE A 293 -8.90 -47.35 28.50
C PHE A 293 -9.85 -46.17 28.29
N LYS A 294 -9.37 -44.96 28.55
CA LYS A 294 -10.13 -43.73 28.28
C LYS A 294 -9.60 -43.14 26.98
N VAL A 295 -9.98 -43.77 25.86
CA VAL A 295 -9.48 -43.33 24.56
C VAL A 295 -10.15 -42.02 24.16
N ALA A 296 -9.52 -41.32 23.22
CA ALA A 296 -10.03 -40.06 22.73
C ALA A 296 -9.55 -39.84 21.30
N PHE A 297 -10.29 -39.04 20.55
CA PHE A 297 -9.99 -38.73 19.17
C PHE A 297 -9.90 -37.22 19.04
N ASN A 298 -8.68 -36.69 19.17
CA ASN A 298 -8.46 -35.25 19.16
C ASN A 298 -8.12 -34.77 17.76
N ALA A 299 -8.36 -33.47 17.54
CA ALA A 299 -8.07 -32.82 16.27
C ALA A 299 -7.90 -31.33 16.55
N PHE A 300 -7.74 -30.54 15.49
CA PHE A 300 -7.56 -29.11 15.61
C PHE A 300 -8.26 -28.39 14.47
N LYS A 301 -9.01 -27.34 14.80
CA LYS A 301 -9.68 -26.51 13.79
C LYS A 301 -8.68 -25.45 13.32
N ASN A 302 -8.00 -25.74 12.22
CA ASN A 302 -6.95 -24.87 11.70
C ASN A 302 -7.58 -23.77 10.84
N LYS A 303 -6.75 -23.06 10.09
CA LYS A 303 -7.20 -21.94 9.26
C LYS A 303 -7.96 -22.48 8.05
N ILE A 304 -8.25 -21.58 7.11
CA ILE A 304 -9.01 -21.96 5.90
C ILE A 304 -8.29 -23.08 5.17
N LEU A 305 -9.07 -23.90 4.46
CA LEU A 305 -8.56 -25.06 3.71
C LEU A 305 -7.95 -26.08 4.66
N SER A 306 -8.70 -26.43 5.71
CA SER A 306 -8.27 -27.45 6.67
C SER A 306 -9.41 -28.37 7.10
N ASP A 307 -10.48 -28.43 6.32
CA ASP A 307 -11.66 -29.20 6.71
C ASP A 307 -11.43 -30.69 6.50
N ILE A 308 -11.76 -31.48 7.51
CA ILE A 308 -11.60 -32.93 7.49
C ILE A 308 -12.95 -33.56 7.82
N ALA A 309 -13.32 -34.58 7.05
CA ALA A 309 -14.61 -35.25 7.22
C ALA A 309 -14.41 -36.70 7.62
N LEU A 310 -15.46 -37.28 8.18
CA LEU A 310 -15.45 -38.68 8.62
C LEU A 310 -16.89 -39.17 8.70
N ASP A 311 -17.06 -40.47 8.53
CA ASP A 311 -18.40 -41.04 8.52
C ASP A 311 -18.32 -42.54 8.71
N ASP A 312 -19.39 -43.12 9.25
CA ASP A 312 -19.57 -44.57 9.36
C ASP A 312 -18.46 -45.23 10.18
N ILE A 313 -18.41 -44.86 11.46
CA ILE A 313 -17.52 -45.54 12.40
C ILE A 313 -18.00 -46.98 12.56
N SER A 314 -17.07 -47.92 12.44
CA SER A 314 -17.39 -49.35 12.45
C SER A 314 -16.45 -50.10 13.38
N LEU A 315 -16.27 -49.59 14.60
CA LEU A 315 -15.44 -50.27 15.59
C LEU A 315 -16.08 -51.58 16.00
N THR A 316 -15.37 -52.69 15.78
CA THR A 316 -15.85 -54.01 16.17
C THR A 316 -14.82 -54.70 17.05
N TYR A 317 -15.04 -55.98 17.36
CA TYR A 317 -14.12 -56.76 18.17
C TYR A 317 -13.42 -57.80 17.29
N GLY A 318 -12.41 -58.45 17.89
CA GLY A 318 -11.65 -59.43 17.15
C GLY A 318 -10.72 -58.78 16.13
N ILE A 319 -10.42 -59.54 15.08
CA ILE A 319 -9.55 -59.08 14.01
C ILE A 319 -10.31 -59.21 12.70
N CYS A 320 -10.43 -58.11 11.96
CA CYS A 320 -11.12 -58.12 10.68
C CYS A 320 -10.24 -58.77 9.61
N ASN A 321 -10.76 -58.81 8.39
CA ASN A 321 -10.03 -59.42 7.29
C ASN A 321 -8.84 -58.56 6.88
N GLY A 322 -8.06 -59.08 5.95
CA GLY A 322 -6.88 -58.38 5.45
C GLY A 322 -7.21 -57.06 4.79
N SER A 323 -6.76 -55.96 5.38
CA SER A 323 -7.03 -54.63 4.84
C SER A 323 -6.17 -54.41 3.59
N LEU A 324 -6.82 -54.44 2.42
CA LEU A 324 -6.15 -54.24 1.15
C LEU A 324 -6.56 -52.94 0.48
N TYR A 325 -7.06 -51.97 1.25
CA TYR A 325 -7.48 -50.67 0.74
C TYR A 325 -6.71 -49.58 1.49
N PRO A 326 -5.43 -49.39 1.17
CA PRO A 326 -4.65 -48.36 1.87
C PRO A 326 -4.70 -47.03 1.15
N GLU A 327 -4.11 -46.00 1.75
CA GLU A 327 -4.02 -44.70 1.12
C GLU A 327 -3.02 -44.74 -0.03
N PRO A 328 -3.44 -44.47 -1.28
CA PRO A 328 -2.51 -44.56 -2.41
C PRO A 328 -1.31 -43.62 -2.29
N THR A 329 -1.59 -42.31 -2.21
CA THR A 329 -0.48 -41.31 -2.10
C THR A 329 -1.02 -39.98 -1.56
N LEU A 330 -0.52 -39.56 -0.39
CA LEU A 330 -0.91 -38.27 0.22
C LEU A 330 0.10 -37.20 -0.20
N VAL A 331 -0.27 -36.36 -1.16
CA VAL A 331 0.64 -35.30 -1.69
C VAL A 331 0.58 -34.06 -0.79
N PRO A 332 1.73 -33.52 -0.32
CA PRO A 332 1.75 -32.31 0.50
C PRO A 332 1.28 -31.08 -0.26
N THR A 333 0.09 -30.59 0.07
CA THR A 333 -0.48 -29.41 -0.57
C THR A 333 0.08 -28.10 -0.02
N PRO A 334 0.26 -27.93 1.29
CA PRO A 334 0.82 -26.68 1.82
C PRO A 334 2.11 -26.28 1.12
N PRO A 335 3.01 -27.21 0.79
CA PRO A 335 4.07 -26.90 -0.18
C PRO A 335 3.68 -27.33 -1.58
N PRO A 336 2.81 -26.58 -2.27
CA PRO A 336 2.27 -27.06 -3.55
C PRO A 336 3.34 -27.20 -4.62
N GLU A 337 4.10 -26.14 -4.87
CA GLU A 337 5.16 -26.16 -5.88
C GLU A 337 6.46 -25.53 -5.40
N LEU A 338 6.48 -24.83 -4.26
CA LEU A 338 7.66 -24.16 -3.72
C LEU A 338 8.24 -23.20 -4.76
N PRO A 339 7.56 -22.09 -5.07
CA PRO A 339 8.08 -21.19 -6.10
C PRO A 339 9.31 -20.41 -5.64
N THR A 340 10.48 -20.81 -6.14
CA THR A 340 11.73 -20.15 -5.81
C THR A 340 12.60 -19.97 -7.06
N ASP A 341 11.98 -19.84 -8.22
CA ASP A 341 12.76 -19.69 -9.47
C ASP A 341 13.56 -18.39 -9.46
N CYS A 342 12.87 -17.26 -9.37
CA CYS A 342 13.50 -15.94 -9.37
C CYS A 342 14.40 -15.75 -10.59
N GLY A 343 14.01 -16.34 -11.72
CA GLY A 343 14.81 -16.27 -12.92
C GLY A 343 13.99 -16.07 -14.18
N GLY A 344 14.49 -16.57 -15.30
CA GLY A 344 13.82 -16.41 -16.57
C GLY A 344 14.74 -15.77 -17.60
N PRO A 345 14.21 -14.79 -18.33
CA PRO A 345 15.04 -14.07 -19.30
C PRO A 345 16.12 -13.25 -18.60
N PHE A 346 17.22 -13.02 -19.32
CA PHE A 346 18.35 -12.27 -18.79
C PHE A 346 18.71 -11.13 -19.73
N GLU A 347 19.88 -10.53 -19.52
CA GLU A 347 20.38 -9.46 -20.38
C GLU A 347 20.26 -9.85 -21.84
N LEU A 348 19.53 -9.03 -22.61
CA LEU A 348 19.20 -9.36 -23.98
C LEU A 348 20.35 -9.05 -24.93
N TRP A 349 20.07 -9.15 -26.22
CA TRP A 349 21.07 -9.09 -27.28
C TRP A 349 20.40 -8.50 -28.51
N GLU A 350 20.98 -8.79 -29.69
CA GLU A 350 20.52 -8.31 -31.00
C GLU A 350 19.00 -8.39 -31.10
N PRO A 351 18.35 -7.51 -31.89
CA PRO A 351 16.94 -7.20 -31.65
C PRO A 351 15.97 -8.36 -31.89
N ASN A 352 15.93 -9.29 -30.94
CA ASN A 352 14.84 -10.26 -30.85
C ASN A 352 13.77 -9.69 -29.92
N THR A 353 13.03 -8.72 -30.47
CA THR A 353 12.17 -7.87 -29.65
C THR A 353 11.03 -8.66 -29.02
N THR A 354 10.41 -9.56 -29.77
CA THR A 354 9.28 -10.32 -29.26
C THR A 354 9.75 -11.34 -28.23
N PHE A 355 9.31 -11.18 -26.99
CA PHE A 355 9.67 -12.11 -25.92
C PHE A 355 8.65 -12.03 -24.81
N SER A 356 8.35 -13.16 -24.19
CA SER A 356 7.50 -13.19 -23.01
C SER A 356 8.27 -12.75 -21.78
N SER A 357 7.55 -12.15 -20.84
CA SER A 357 8.20 -11.69 -19.61
C SER A 357 8.61 -12.88 -18.75
N THR A 358 7.64 -13.61 -18.24
CA THR A 358 7.90 -14.95 -17.73
C THR A 358 6.89 -15.98 -18.22
N ASN A 359 5.60 -15.61 -18.27
CA ASN A 359 4.53 -16.48 -18.73
C ASN A 359 3.47 -15.66 -19.48
N PHE A 360 3.91 -14.80 -20.40
CA PHE A 360 3.03 -13.78 -20.98
C PHE A 360 1.72 -14.29 -21.60
N PRO A 361 1.70 -15.42 -22.34
CA PRO A 361 0.43 -15.82 -22.97
C PRO A 361 -0.56 -16.45 -21.99
N ASN A 362 -0.68 -15.84 -20.81
CA ASN A 362 -1.70 -16.15 -19.81
C ASN A 362 -1.49 -15.18 -18.65
N SER A 363 -2.39 -15.18 -17.68
CA SER A 363 -2.18 -14.36 -16.49
C SER A 363 -0.90 -14.80 -15.78
N TYR A 364 -0.10 -13.82 -15.34
CA TYR A 364 1.17 -14.26 -14.79
C TYR A 364 1.02 -14.66 -13.32
N PRO A 365 1.84 -15.59 -12.85
CA PRO A 365 1.78 -15.98 -11.43
C PRO A 365 2.40 -14.92 -10.54
N ASN A 366 2.13 -15.06 -9.24
CA ASN A 366 2.63 -14.13 -8.25
C ASN A 366 3.99 -14.58 -7.73
N LEU A 367 4.59 -13.76 -6.86
CA LEU A 367 5.87 -14.02 -6.22
C LEU A 367 7.02 -14.13 -7.21
N ALA A 368 6.81 -13.72 -8.47
CA ALA A 368 7.86 -13.80 -9.48
C ALA A 368 8.67 -12.50 -9.48
N PHE A 369 9.99 -12.64 -9.49
CA PHE A 369 10.91 -11.51 -9.51
C PHE A 369 11.88 -11.72 -10.66
N CYS A 370 11.54 -11.19 -11.83
CA CYS A 370 12.37 -11.32 -13.01
C CYS A 370 13.20 -10.05 -13.22
N VAL A 371 14.06 -10.07 -14.24
CA VAL A 371 14.92 -8.94 -14.55
C VAL A 371 15.28 -9.00 -16.03
N TRP A 372 15.22 -7.85 -16.71
CA TRP A 372 15.56 -7.75 -18.12
C TRP A 372 16.50 -6.57 -18.29
N ILE A 373 17.78 -6.86 -18.55
CA ILE A 373 18.81 -5.84 -18.66
C ILE A 373 19.01 -5.59 -20.15
N LEU A 374 18.29 -4.60 -20.69
CA LEU A 374 18.37 -4.27 -22.11
C LEU A 374 19.68 -3.52 -22.36
N ASN A 375 20.58 -4.14 -23.13
CA ASN A 375 21.86 -3.54 -23.46
C ASN A 375 21.95 -3.28 -24.97
N ALA A 376 23.00 -2.56 -25.35
CA ALA A 376 23.25 -2.23 -26.75
C ALA A 376 24.72 -1.84 -26.88
N GLN A 377 25.09 -1.40 -28.09
CA GLN A 377 26.45 -0.97 -28.34
C GLN A 377 26.73 0.37 -27.66
N LYS A 378 28.01 0.72 -27.59
CA LYS A 378 28.42 1.97 -26.96
C LYS A 378 27.93 3.16 -27.78
N GLY A 379 27.30 4.12 -27.10
CA GLY A 379 26.77 5.30 -27.75
C GLY A 379 25.34 5.20 -28.23
N LYS A 380 24.69 4.06 -28.03
CA LYS A 380 23.32 3.84 -28.45
C LYS A 380 22.40 3.84 -27.24
N ASN A 381 21.30 4.57 -27.35
CA ASN A 381 20.31 4.61 -26.27
C ASN A 381 19.28 3.49 -26.44
N ILE A 382 18.42 3.35 -25.44
CA ILE A 382 17.42 2.30 -25.41
C ILE A 382 16.04 2.94 -25.46
N GLN A 383 15.15 2.35 -26.25
CA GLN A 383 13.76 2.78 -26.37
C GLN A 383 12.85 1.65 -25.91
N LEU A 384 11.74 2.00 -25.27
CA LEU A 384 10.87 1.04 -24.61
C LEU A 384 9.41 1.26 -25.01
N HIS A 385 9.15 1.31 -26.32
CA HIS A 385 7.78 1.44 -26.80
C HIS A 385 6.94 0.24 -26.36
N PHE A 386 5.68 0.50 -26.04
CA PHE A 386 4.74 -0.51 -25.57
C PHE A 386 3.54 -0.58 -26.50
N GLN A 387 3.15 -1.79 -26.89
CA GLN A 387 1.93 -2.00 -27.67
C GLN A 387 0.75 -2.44 -26.81
N GLU A 388 1.01 -3.02 -25.63
CA GLU A 388 -0.05 -3.44 -24.73
C GLU A 388 0.50 -3.41 -23.32
N PHE A 389 -0.21 -2.75 -22.41
CA PHE A 389 0.23 -2.59 -21.03
C PHE A 389 -0.98 -2.70 -20.12
N ASP A 390 -1.01 -3.76 -19.31
CA ASP A 390 -2.12 -4.00 -18.38
C ASP A 390 -1.55 -4.66 -17.14
N LEU A 391 -1.28 -3.87 -16.10
CA LEU A 391 -0.73 -4.35 -14.84
C LEU A 391 -1.64 -3.91 -13.70
N GLU A 392 -1.21 -4.22 -12.48
CA GLU A 392 -1.96 -3.90 -11.28
C GLU A 392 -1.51 -2.54 -10.73
N ASN A 393 -1.90 -2.25 -9.49
CA ASN A 393 -1.58 -0.99 -8.83
C ASN A 393 -0.14 -1.03 -8.32
N ILE A 394 0.19 -0.06 -7.45
CA ILE A 394 1.52 0.14 -6.88
C ILE A 394 2.14 -1.18 -6.43
N ASN A 395 1.30 -2.12 -5.96
CA ASN A 395 1.81 -3.43 -5.57
C ASN A 395 2.51 -4.13 -6.72
N ASP A 396 2.10 -3.87 -7.95
CA ASP A 396 2.73 -4.43 -9.15
C ASP A 396 3.23 -3.27 -10.01
N VAL A 397 4.51 -2.95 -9.88
CA VAL A 397 5.14 -1.89 -10.65
C VAL A 397 6.35 -2.46 -11.39
N VAL A 398 6.93 -1.63 -12.25
CA VAL A 398 8.11 -1.99 -13.04
C VAL A 398 9.12 -0.88 -12.82
N GLU A 399 10.09 -1.10 -11.94
CA GLU A 399 11.12 -0.12 -11.64
C GLU A 399 12.17 -0.17 -12.75
N ILE A 400 11.92 0.62 -13.80
CA ILE A 400 12.86 0.69 -14.91
C ILE A 400 14.12 1.40 -14.46
N ARG A 401 15.25 0.73 -14.60
CA ARG A 401 16.53 1.23 -14.10
C ARG A 401 17.48 1.53 -15.26
N ASP A 402 18.36 2.51 -15.03
CA ASP A 402 19.37 2.92 -15.99
C ASP A 402 20.72 3.05 -15.30
N GLY A 403 21.08 2.06 -14.50
CA GLY A 403 22.27 2.15 -13.67
C GLY A 403 23.59 2.10 -14.42
N GLU A 404 23.87 0.95 -15.07
CA GLU A 404 25.10 0.70 -15.80
C GLU A 404 26.28 0.51 -14.84
N GLU A 405 26.04 0.75 -13.55
CA GLU A 405 27.04 0.61 -12.51
C GLU A 405 26.34 0.31 -11.20
N ALA A 406 27.08 0.43 -10.09
CA ALA A 406 26.49 0.17 -8.78
C ALA A 406 25.47 1.24 -8.40
N ASP A 407 25.69 2.49 -8.81
CA ASP A 407 24.77 3.59 -8.54
C ASP A 407 23.67 3.56 -9.59
N SER A 408 22.58 2.88 -9.25
CA SER A 408 21.47 2.72 -10.19
C SER A 408 20.58 3.96 -10.18
N LEU A 409 20.20 4.40 -11.39
CA LEU A 409 19.29 5.52 -11.57
C LEU A 409 17.95 5.04 -12.09
N LEU A 410 16.92 5.85 -11.84
CA LEU A 410 15.55 5.53 -12.22
C LEU A 410 15.08 6.47 -13.31
N LEU A 411 14.33 5.93 -14.26
CA LEU A 411 13.79 6.71 -15.38
C LEU A 411 12.29 6.90 -15.29
N ALA A 412 11.53 5.81 -15.17
CA ALA A 412 10.07 5.90 -15.09
C ALA A 412 9.54 4.62 -14.47
N VAL A 413 8.40 4.74 -13.78
CA VAL A 413 7.74 3.61 -13.14
C VAL A 413 6.27 3.65 -13.54
N TYR A 414 5.87 2.73 -14.40
CA TYR A 414 4.50 2.63 -14.88
C TYR A 414 3.80 1.45 -14.24
N THR A 415 2.48 1.56 -14.12
CA THR A 415 1.66 0.51 -13.53
C THR A 415 0.21 0.74 -13.93
N GLY A 416 -0.65 -0.21 -13.58
CA GLY A 416 -2.05 -0.11 -13.89
C GLY A 416 -2.35 -0.41 -15.34
N PRO A 417 -3.63 -0.47 -15.70
CA PRO A 417 -4.02 -0.73 -17.08
C PRO A 417 -3.84 0.50 -17.96
N GLY A 418 -4.00 0.29 -19.26
CA GLY A 418 -3.90 1.36 -20.23
C GLY A 418 -2.51 1.47 -20.81
N PRO A 419 -2.42 1.88 -22.08
CA PRO A 419 -1.10 2.05 -22.70
C PRO A 419 -0.35 3.25 -22.15
N VAL A 420 0.73 2.98 -21.41
CA VAL A 420 1.54 4.03 -20.80
C VAL A 420 2.49 4.61 -21.83
N LYS A 421 3.10 5.75 -21.50
CA LYS A 421 4.03 6.40 -22.41
C LYS A 421 5.33 5.60 -22.51
N ASP A 422 6.05 5.82 -23.60
CA ASP A 422 7.29 5.10 -23.86
C ASP A 422 8.43 5.69 -23.02
N VAL A 423 9.51 4.92 -22.92
CA VAL A 423 10.69 5.30 -22.16
C VAL A 423 11.85 5.50 -23.13
N PHE A 424 12.65 6.53 -22.88
CA PHE A 424 13.81 6.84 -23.71
C PHE A 424 15.02 6.99 -22.79
N SER A 425 15.87 5.97 -22.76
CA SER A 425 17.04 5.98 -21.89
C SER A 425 18.14 6.86 -22.48
N THR A 426 19.22 7.02 -21.71
CA THR A 426 20.39 7.79 -22.13
C THR A 426 21.62 6.92 -22.35
N THR A 427 21.91 6.03 -21.41
CA THR A 427 23.05 5.13 -21.54
C THR A 427 22.67 3.93 -22.41
N ASN A 428 23.59 2.97 -22.50
CA ASN A 428 23.40 1.77 -23.31
C ASN A 428 23.05 0.55 -22.47
N ARG A 429 22.39 0.74 -21.33
CA ARG A 429 22.01 -0.38 -20.47
C ARG A 429 20.75 0.02 -19.71
N MET A 430 19.60 -0.49 -20.18
CA MET A 430 18.32 -0.27 -19.52
C MET A 430 17.95 -1.52 -18.75
N THR A 431 18.03 -1.47 -17.42
CA THR A 431 17.68 -2.58 -16.58
C THR A 431 16.19 -2.51 -16.23
N VAL A 432 15.47 -3.59 -16.48
CA VAL A 432 14.03 -3.66 -16.24
C VAL A 432 13.78 -4.77 -15.24
N LEU A 433 13.35 -4.42 -14.03
CA LEU A 433 13.07 -5.37 -12.97
C LEU A 433 11.56 -5.47 -12.77
N LEU A 434 11.10 -6.68 -12.46
CA LEU A 434 9.69 -6.95 -12.23
C LEU A 434 9.43 -7.09 -10.74
N ILE A 435 8.46 -6.35 -10.22
CA ILE A 435 8.07 -6.39 -8.82
C ILE A 435 6.57 -6.66 -8.77
N THR A 436 6.18 -7.85 -8.33
CA THR A 436 4.79 -8.24 -8.25
C THR A 436 4.45 -8.69 -6.84
N ASN A 437 3.22 -8.40 -6.42
CA ASN A 437 2.74 -8.80 -5.12
C ASN A 437 2.10 -10.20 -5.22
N ASP A 438 1.42 -10.62 -4.17
CA ASP A 438 0.76 -11.93 -4.14
C ASP A 438 -0.75 -11.81 -4.06
N VAL A 439 -1.32 -10.75 -4.64
CA VAL A 439 -2.77 -10.51 -4.60
C VAL A 439 -3.21 -10.01 -5.96
N LEU A 440 -4.11 -10.76 -6.62
CA LEU A 440 -4.79 -10.35 -7.84
C LEU A 440 -3.79 -9.99 -8.95
N ALA A 441 -3.05 -11.01 -9.39
CA ALA A 441 -2.10 -10.81 -10.47
C ALA A 441 -2.84 -10.56 -11.78
N ARG A 442 -2.34 -9.61 -12.57
CA ARG A 442 -2.97 -9.20 -13.81
C ARG A 442 -2.42 -10.02 -14.98
N GLY A 443 -2.71 -9.57 -16.21
CA GLY A 443 -2.28 -10.27 -17.40
C GLY A 443 -0.79 -10.13 -17.70
N GLY A 444 -0.34 -8.91 -17.97
CA GLY A 444 1.04 -8.65 -18.29
C GLY A 444 1.15 -7.55 -19.33
N PHE A 445 2.31 -7.50 -19.98
CA PHE A 445 2.56 -6.48 -21.00
C PHE A 445 3.66 -6.97 -21.93
N LYS A 446 3.90 -6.20 -22.99
CA LYS A 446 4.91 -6.52 -23.99
C LYS A 446 6.01 -5.47 -23.95
N ALA A 447 7.11 -5.77 -24.64
CA ALA A 447 8.25 -4.85 -24.71
C ALA A 447 9.06 -5.18 -25.95
N ASN A 448 9.14 -4.23 -26.88
CA ASN A 448 9.93 -4.37 -28.10
C ASN A 448 10.92 -3.21 -28.16
N PHE A 449 12.13 -3.43 -27.67
CA PHE A 449 13.14 -2.39 -27.64
C PHE A 449 13.69 -2.13 -29.04
N THR A 450 13.89 -0.85 -29.36
CA THR A 450 14.47 -0.44 -30.64
C THR A 450 15.58 0.56 -30.36
N THR A 451 16.83 0.12 -30.52
CA THR A 451 17.97 0.98 -30.25
C THR A 451 18.17 2.00 -31.37
N GLY A 452 19.03 2.97 -31.12
CA GLY A 452 19.32 4.00 -32.09
C GLY A 452 20.18 5.13 -31.53
N TYR A 453 19.85 6.36 -31.91
CA TYR A 453 20.60 7.53 -31.44
C TYR A 453 19.62 8.68 -31.21
N HIS A 454 19.61 9.21 -29.98
CA HIS A 454 18.82 10.37 -29.62
C HIS A 454 17.33 10.14 -29.86
N LEU A 455 16.86 8.95 -29.50
CA LEU A 455 15.43 8.64 -29.62
C LEU A 455 14.66 9.32 -28.49
N GLY A 456 13.50 9.88 -28.83
CA GLY A 456 12.68 10.57 -27.86
C GLY A 456 13.03 12.04 -27.75
N ILE A 457 14.28 12.33 -27.40
CA ILE A 457 14.76 13.70 -27.30
C ILE A 457 14.78 14.33 -28.69
N PRO A 458 14.07 15.42 -28.91
CA PRO A 458 14.08 16.05 -30.24
C PRO A 458 15.44 16.61 -30.58
N GLU A 459 15.75 16.58 -31.88
CA GLU A 459 17.05 17.04 -32.37
C GLU A 459 17.16 18.55 -32.22
N PRO A 460 18.12 19.06 -31.45
CA PRO A 460 18.27 20.51 -31.32
C PRO A 460 18.71 21.14 -32.63
N CYS A 461 18.16 22.32 -32.90
CA CYS A 461 18.49 23.07 -34.12
C CYS A 461 19.73 23.91 -33.88
N LYS A 462 20.67 23.83 -34.81
CA LYS A 462 21.94 24.56 -34.70
C LYS A 462 21.81 25.93 -35.38
N ALA A 463 22.94 26.59 -35.59
CA ALA A 463 23.01 27.89 -36.25
C ALA A 463 22.19 28.95 -35.51
N ASP A 464 22.62 29.21 -34.28
CA ASP A 464 22.02 30.26 -33.43
C ASP A 464 20.54 30.00 -33.20
N HIS A 465 20.25 28.88 -32.53
CA HIS A 465 18.89 28.51 -32.16
C HIS A 465 18.93 27.95 -30.74
N PHE A 466 18.59 28.79 -29.77
CA PHE A 466 18.57 28.36 -28.37
C PHE A 466 17.44 27.37 -28.15
N GLN A 467 17.78 26.18 -27.65
CA GLN A 467 16.81 25.12 -27.42
C GLN A 467 16.55 25.01 -25.92
N CYS A 468 15.35 25.37 -25.49
CA CYS A 468 14.99 25.21 -24.09
C CYS A 468 14.76 23.73 -23.77
N LYS A 469 14.63 23.44 -22.48
CA LYS A 469 14.65 22.06 -21.98
C LYS A 469 13.46 21.22 -22.44
N ASN A 470 12.50 21.78 -23.17
CA ASN A 470 11.37 21.00 -23.67
C ASN A 470 11.48 20.67 -25.15
N GLY A 471 12.51 21.18 -25.83
CA GLY A 471 12.72 20.93 -27.24
C GLY A 471 12.35 22.10 -28.14
N GLU A 472 11.62 23.08 -27.62
CA GLU A 472 11.24 24.24 -28.42
C GLU A 472 12.45 25.11 -28.71
N CYS A 473 12.41 25.78 -29.86
CA CYS A 473 13.52 26.61 -30.32
C CYS A 473 13.14 28.08 -30.25
N VAL A 474 14.02 28.88 -29.64
CA VAL A 474 13.85 30.34 -29.58
C VAL A 474 15.21 30.98 -29.77
N PRO A 475 15.57 31.35 -31.00
CA PRO A 475 16.91 31.89 -31.25
C PRO A 475 17.23 33.14 -30.44
N LEU A 476 16.41 34.17 -30.56
CA LEU A 476 16.65 35.43 -29.86
C LEU A 476 15.40 36.12 -29.37
N VAL A 477 14.22 35.52 -29.52
CA VAL A 477 12.98 36.21 -29.15
C VAL A 477 12.74 36.14 -27.65
N ASN A 478 13.24 35.10 -26.97
CA ASN A 478 13.01 34.91 -25.54
C ASN A 478 14.31 34.55 -24.84
N LEU A 479 15.37 35.30 -25.12
CA LEU A 479 16.67 35.08 -24.49
C LEU A 479 16.79 35.94 -23.23
N CYS A 480 16.04 35.53 -22.22
CA CYS A 480 15.98 36.21 -20.92
C CYS A 480 15.59 37.68 -21.08
N ASP A 481 14.43 37.90 -21.71
CA ASP A 481 13.93 39.24 -21.95
C ASP A 481 12.59 39.53 -21.27
N GLY A 482 11.93 38.53 -20.69
CA GLY A 482 10.68 38.76 -19.99
C GLY A 482 9.47 38.15 -20.66
N HIS A 483 9.65 36.98 -21.28
CA HIS A 483 8.56 36.26 -21.92
C HIS A 483 8.58 34.80 -21.46
N LEU A 484 7.47 34.10 -21.72
CA LEU A 484 7.27 32.74 -21.27
C LEU A 484 6.87 31.83 -22.43
N HIS A 485 7.62 31.92 -23.53
CA HIS A 485 7.37 31.07 -24.69
C HIS A 485 7.55 29.59 -24.32
N CYS A 486 8.75 29.21 -23.90
CA CYS A 486 8.98 27.86 -23.41
C CYS A 486 8.22 27.66 -22.11
N GLU A 487 7.27 26.72 -22.12
CA GLU A 487 6.40 26.52 -20.95
C GLU A 487 7.15 25.98 -19.75
N ASP A 488 8.32 25.36 -19.96
CA ASP A 488 9.10 24.81 -18.85
C ASP A 488 9.87 25.90 -18.09
N GLY A 489 9.85 27.13 -18.57
CA GLY A 489 10.55 28.22 -17.90
C GLY A 489 12.02 28.33 -18.22
N SER A 490 12.54 27.53 -19.15
CA SER A 490 13.95 27.58 -19.48
C SER A 490 14.31 28.80 -20.34
N ASP A 491 13.36 29.33 -21.10
CA ASP A 491 13.62 30.53 -21.88
C ASP A 491 13.83 31.74 -20.98
N GLU A 492 13.02 31.86 -19.92
CA GLU A 492 13.15 32.92 -18.93
C GLU A 492 13.88 32.43 -17.69
N ALA A 493 14.85 31.54 -17.85
CA ALA A 493 15.60 31.01 -16.74
C ALA A 493 16.45 32.12 -16.10
N ASP A 494 17.07 31.78 -14.98
CA ASP A 494 17.87 32.75 -14.22
C ASP A 494 19.15 33.05 -14.97
N CYS A 495 19.17 34.17 -15.71
CA CYS A 495 20.37 34.65 -16.36
C CYS A 495 21.17 35.61 -15.48
N VAL A 496 21.00 35.50 -14.15
CA VAL A 496 21.72 36.33 -13.18
C VAL A 496 22.27 35.41 -12.11
N ARG A 497 23.40 35.81 -11.53
CA ARG A 497 24.06 35.03 -10.48
C ARG A 497 25.01 35.94 -9.73
N PHE A 498 25.80 35.34 -8.83
CA PHE A 498 26.79 36.05 -8.03
C PHE A 498 28.19 35.72 -8.55
N PHE A 499 29.19 36.24 -7.85
CA PHE A 499 30.59 36.00 -8.18
C PHE A 499 31.44 36.34 -6.97
N ASN A 500 32.41 35.48 -6.67
CA ASN A 500 33.29 35.65 -5.50
C ASN A 500 32.47 35.78 -4.22
N GLY A 501 31.44 34.95 -4.10
CA GLY A 501 30.55 34.99 -2.95
C GLY A 501 30.93 33.93 -1.93
N THR A 502 31.00 34.35 -0.67
CA THR A 502 31.30 33.41 0.41
C THR A 502 30.12 32.48 0.66
N THR A 503 28.96 33.04 0.95
CA THR A 503 27.75 32.27 1.18
C THR A 503 26.86 32.30 -0.07
N ASN A 504 25.65 31.76 0.04
CA ASN A 504 24.75 31.71 -1.10
C ASN A 504 24.21 33.09 -1.44
N ASN A 505 23.74 33.83 -0.44
CA ASN A 505 23.14 35.15 -0.66
C ASN A 505 24.18 36.27 -0.57
N ASN A 506 25.28 36.12 -1.32
CA ASN A 506 26.33 37.11 -1.36
C ASN A 506 27.13 36.91 -2.64
N GLY A 507 27.92 37.93 -2.98
CA GLY A 507 28.78 37.89 -4.14
C GLY A 507 28.70 39.18 -4.93
N LEU A 508 29.20 39.12 -6.15
CA LEU A 508 29.24 40.28 -7.04
C LEU A 508 27.86 40.46 -7.71
N VAL A 509 27.82 41.30 -8.74
CA VAL A 509 26.58 41.66 -9.41
C VAL A 509 26.64 41.11 -10.83
N ARG A 510 27.29 39.97 -11.00
CA ARG A 510 27.45 39.33 -12.30
C ARG A 510 26.12 39.22 -13.03
N PHE A 511 26.06 39.85 -14.21
CA PHE A 511 24.83 39.94 -14.99
C PHE A 511 25.10 39.52 -16.43
N ARG A 512 24.11 38.87 -17.03
CA ARG A 512 24.15 38.48 -18.43
C ARG A 512 22.96 39.10 -19.15
N ILE A 513 23.23 39.90 -20.18
CA ILE A 513 22.14 40.53 -20.92
C ILE A 513 21.44 39.49 -21.79
N GLN A 514 22.17 38.88 -22.72
CA GLN A 514 21.61 37.77 -23.48
C GLN A 514 22.54 36.57 -23.57
N SER A 515 23.84 36.80 -23.77
CA SER A 515 24.78 35.71 -24.01
C SER A 515 25.95 35.69 -23.03
N ILE A 516 26.60 36.83 -22.81
CA ILE A 516 27.85 36.88 -22.05
C ILE A 516 27.58 37.45 -20.67
N TRP A 517 28.21 36.86 -19.66
CA TRP A 517 28.09 37.34 -18.29
C TRP A 517 29.09 38.47 -18.05
N HIS A 518 28.67 39.44 -17.23
CA HIS A 518 29.49 40.61 -16.95
C HIS A 518 28.98 41.28 -15.68
N THR A 519 29.72 42.29 -15.24
CA THR A 519 29.39 43.02 -14.03
C THR A 519 28.40 44.15 -14.35
N ALA A 520 28.20 45.05 -13.39
CA ALA A 520 27.29 46.18 -13.58
C ALA A 520 27.90 47.40 -12.91
N CYS A 521 27.12 48.47 -12.79
CA CYS A 521 27.56 49.72 -12.19
C CYS A 521 26.52 50.18 -11.18
N ALA A 522 26.95 51.07 -10.28
CA ALA A 522 26.12 51.56 -9.18
C ALA A 522 26.19 53.07 -9.07
N GLU A 523 26.07 53.76 -10.22
CA GLU A 523 26.04 55.22 -10.19
C GLU A 523 24.69 55.74 -9.72
N ASN A 524 23.60 55.08 -10.11
CA ASN A 524 22.24 55.45 -9.71
C ASN A 524 21.61 54.34 -8.89
N TRP A 525 22.38 53.76 -7.97
CA TRP A 525 21.89 52.65 -7.17
C TRP A 525 21.00 53.16 -6.05
N THR A 526 19.81 52.58 -5.94
CA THR A 526 18.83 52.92 -4.91
C THR A 526 18.29 51.65 -4.27
N THR A 527 17.46 51.82 -3.25
CA THR A 527 16.86 50.67 -2.57
C THR A 527 15.80 49.98 -3.42
N GLN A 528 15.18 50.71 -4.37
CA GLN A 528 14.16 50.10 -5.23
C GLN A 528 14.77 48.99 -6.08
N ILE A 529 15.76 49.34 -6.90
CA ILE A 529 16.45 48.33 -7.69
C ILE A 529 17.17 47.32 -6.81
N SER A 530 17.55 47.73 -5.59
CA SER A 530 18.16 46.79 -4.65
C SER A 530 17.22 45.65 -4.32
N ASN A 531 16.00 45.97 -3.86
CA ASN A 531 15.04 44.91 -3.57
C ASN A 531 14.57 44.22 -4.85
N ASP A 532 14.60 44.93 -5.98
CA ASP A 532 14.25 44.29 -7.25
C ASP A 532 15.22 43.16 -7.58
N VAL A 533 16.53 43.44 -7.55
CA VAL A 533 17.52 42.41 -7.82
C VAL A 533 17.59 41.39 -6.68
N CYS A 534 17.17 41.77 -5.48
CA CYS A 534 17.01 40.79 -4.41
C CYS A 534 15.96 39.75 -4.78
N GLN A 535 14.77 40.21 -5.19
CA GLN A 535 13.69 39.30 -5.54
C GLN A 535 14.02 38.51 -6.80
N LEU A 536 14.69 39.13 -7.76
CA LEU A 536 15.06 38.41 -8.98
C LEU A 536 16.06 37.30 -8.69
N LEU A 537 16.91 37.46 -7.68
CA LEU A 537 17.86 36.44 -7.28
C LEU A 537 17.28 35.46 -6.27
N GLY A 538 15.99 35.55 -5.98
CA GLY A 538 15.37 34.64 -5.04
C GLY A 538 15.76 34.87 -3.60
N LEU A 539 15.83 36.13 -3.17
CA LEU A 539 16.23 36.46 -1.82
C LEU A 539 15.21 37.36 -1.14
N GLY A 540 15.52 37.85 0.05
CA GLY A 540 14.61 38.69 0.80
C GLY A 540 14.71 40.16 0.43
N SER A 541 14.85 41.02 1.44
CA SER A 541 14.98 42.46 1.23
C SER A 541 16.44 42.89 1.34
N GLY A 542 16.74 44.03 0.71
CA GLY A 542 18.09 44.54 0.69
C GLY A 542 18.58 45.01 2.03
N ASN A 543 19.54 44.28 2.61
CA ASN A 543 20.08 44.65 3.92
C ASN A 543 21.13 45.74 3.79
N SER A 544 22.08 45.58 2.87
CA SER A 544 23.13 46.56 2.67
C SER A 544 23.73 46.37 1.29
N SER A 545 24.45 47.39 0.83
CA SER A 545 25.10 47.36 -0.47
C SER A 545 26.16 48.45 -0.52
N LYS A 546 27.39 48.05 -0.86
CA LYS A 546 28.49 49.01 -0.95
C LYS A 546 29.55 48.45 -1.88
N PRO A 547 30.20 49.28 -2.68
CA PRO A 547 31.25 48.79 -3.58
C PRO A 547 32.59 48.64 -2.86
N ILE A 548 33.51 47.97 -3.55
CA ILE A 548 34.86 47.77 -3.02
C ILE A 548 35.88 48.36 -3.98
N PHE A 549 35.92 47.84 -5.20
CA PHE A 549 36.85 48.32 -6.23
C PHE A 549 36.50 47.71 -7.58
N PRO A 550 36.79 48.40 -8.68
CA PRO A 550 36.56 47.81 -10.01
C PRO A 550 37.59 46.71 -10.28
N THR A 551 37.09 45.50 -10.54
CA THR A 551 37.96 44.34 -10.76
C THR A 551 38.27 44.14 -12.23
N ASP A 552 37.24 43.95 -13.05
CA ASP A 552 37.41 43.71 -14.48
C ASP A 552 36.78 44.83 -15.29
N GLY A 553 37.15 44.89 -16.57
CA GLY A 553 36.63 45.89 -17.47
C GLY A 553 35.62 45.33 -18.46
N GLY A 554 34.82 44.36 -18.00
CA GLY A 554 33.84 43.74 -18.86
C GLY A 554 32.72 44.68 -19.24
N PRO A 555 31.85 44.24 -20.17
CA PRO A 555 30.75 45.10 -20.61
C PRO A 555 29.68 45.28 -19.55
N PHE A 556 29.94 46.13 -18.56
CA PHE A 556 28.98 46.38 -17.50
C PHE A 556 27.73 47.07 -18.06
N VAL A 557 26.63 46.93 -17.33
CA VAL A 557 25.33 47.42 -17.74
C VAL A 557 24.88 48.53 -16.79
N LYS A 558 24.24 49.55 -17.36
CA LYS A 558 23.69 50.65 -16.58
C LYS A 558 22.28 50.30 -16.14
N LEU A 559 22.10 50.09 -14.84
CA LEU A 559 20.79 49.78 -14.29
C LEU A 559 20.00 51.06 -14.03
N ASN A 560 18.72 51.05 -14.39
CA ASN A 560 17.84 52.18 -14.22
C ASN A 560 16.52 51.72 -13.62
N THR A 561 15.72 52.69 -13.19
CA THR A 561 14.42 52.44 -12.59
C THR A 561 13.33 53.18 -13.33
N ALA A 562 12.12 52.62 -13.30
CA ALA A 562 10.97 53.21 -13.97
C ALA A 562 9.71 52.66 -13.34
N PRO A 563 8.61 53.41 -13.32
CA PRO A 563 7.38 52.93 -12.69
C PRO A 563 6.67 51.83 -13.46
N ASP A 564 7.19 51.39 -14.60
CA ASP A 564 6.55 50.33 -15.38
C ASP A 564 6.81 48.94 -14.83
N GLY A 565 7.54 48.82 -13.72
CA GLY A 565 7.85 47.53 -13.13
C GLY A 565 9.17 46.92 -13.57
N HIS A 566 9.39 46.85 -14.88
CA HIS A 566 10.64 46.30 -15.40
C HIS A 566 11.74 47.35 -15.38
N LEU A 567 12.96 46.91 -15.07
CA LEU A 567 14.09 47.81 -15.00
C LEU A 567 14.71 48.01 -16.38
N ILE A 568 15.19 49.23 -16.63
CA ILE A 568 15.83 49.58 -17.89
C ILE A 568 17.31 49.26 -17.80
N LEU A 569 17.82 48.53 -18.79
CA LEU A 569 19.20 48.11 -18.83
C LEU A 569 19.85 48.57 -20.14
N THR A 570 21.11 48.96 -20.06
CA THR A 570 21.86 49.41 -21.23
C THR A 570 23.34 49.11 -21.04
N PRO A 571 23.89 48.10 -21.73
CA PRO A 571 25.31 47.74 -21.56
C PRO A 571 26.25 48.70 -22.29
N SER A 572 26.46 49.86 -21.68
CA SER A 572 27.35 50.88 -22.22
C SER A 572 28.70 50.80 -21.53
N GLN A 573 29.77 50.77 -22.32
CA GLN A 573 31.13 50.71 -21.78
C GLN A 573 31.73 52.12 -21.70
N GLN A 574 31.04 52.98 -20.95
CA GLN A 574 31.49 54.35 -20.70
C GLN A 574 31.24 54.65 -19.22
N CYS A 575 32.22 54.36 -18.38
CA CYS A 575 32.09 54.60 -16.94
C CYS A 575 33.48 54.54 -16.32
N LEU A 576 33.89 55.63 -15.67
CA LEU A 576 35.16 55.67 -14.97
C LEU A 576 34.96 55.27 -13.50
N GLN A 577 36.01 54.69 -12.93
CA GLN A 577 36.03 54.18 -11.56
C GLN A 577 34.71 53.48 -11.21
N ASP A 578 34.39 52.47 -12.00
CA ASP A 578 33.14 51.75 -11.85
C ASP A 578 33.04 51.11 -10.46
N SER A 579 31.87 51.22 -9.85
CA SER A 579 31.61 50.71 -8.51
C SER A 579 30.86 49.39 -8.62
N LEU A 580 31.58 48.28 -8.47
CA LEU A 580 30.96 46.97 -8.54
C LEU A 580 30.09 46.74 -7.30
N ILE A 581 28.87 46.27 -7.52
CA ILE A 581 27.92 46.07 -6.43
C ILE A 581 28.28 44.80 -5.67
N ARG A 582 28.62 44.95 -4.40
CA ARG A 582 28.79 43.80 -3.50
C ARG A 582 27.45 43.59 -2.79
N LEU A 583 26.58 42.85 -3.46
CA LEU A 583 25.19 42.70 -3.00
C LEU A 583 25.16 41.92 -1.70
N GLN A 584 24.60 42.54 -0.66
CA GLN A 584 24.40 41.92 0.65
C GLN A 584 22.90 41.91 0.91
N CYS A 585 22.22 40.88 0.41
CA CYS A 585 20.78 40.73 0.58
C CYS A 585 20.51 39.58 1.55
N ASN A 586 19.65 39.86 2.55
CA ASN A 586 19.29 38.82 3.49
C ASN A 586 18.30 37.84 2.86
N HIS A 587 18.01 36.77 3.59
CA HIS A 587 17.10 35.75 3.09
C HIS A 587 15.65 36.18 3.26
N LYS A 588 14.75 35.48 2.58
CA LYS A 588 13.34 35.79 2.63
C LYS A 588 12.71 35.23 3.91
N SER A 589 11.39 35.26 3.99
CA SER A 589 10.68 34.77 5.16
C SER A 589 10.75 33.25 5.22
N CYS A 590 11.72 32.72 5.96
CA CYS A 590 11.91 31.28 6.06
C CYS A 590 11.03 30.72 7.18
N GLY A 591 11.30 29.48 7.57
CA GLY A 591 10.49 28.80 8.57
C GLY A 591 10.69 29.31 9.97
N LYS A 592 10.25 30.54 10.22
CA LYS A 592 10.30 31.16 11.54
C LYS A 592 8.89 31.33 12.08
N LYS A 593 8.80 31.52 13.40
CA LYS A 593 7.51 31.70 14.06
C LYS A 593 6.93 33.06 13.68
N LEU A 594 5.94 33.04 12.78
CA LEU A 594 5.30 34.27 12.33
C LEU A 594 4.00 34.56 13.05
N ALA A 595 3.31 33.53 13.56
CA ALA A 595 2.05 33.73 14.24
C ALA A 595 2.29 34.34 15.62
N ALA A 596 1.19 34.56 16.36
CA ALA A 596 1.25 35.14 17.69
C ALA A 596 1.22 34.05 18.76
N GLN A 597 2.27 33.24 18.76
CA GLN A 597 2.38 32.17 19.75
C GLN A 597 2.76 32.74 21.11
N ASP A 598 2.37 32.03 22.17
CA ASP A 598 2.65 32.43 23.53
C ASP A 598 3.82 31.63 24.08
N ILE A 599 4.17 31.89 25.33
CA ILE A 599 5.27 31.22 26.01
C ILE A 599 4.67 30.42 27.15
N THR A 600 4.38 29.15 26.90
CA THR A 600 3.79 28.25 27.88
C THR A 600 4.66 27.00 27.99
N PRO A 601 5.77 27.08 28.72
CA PRO A 601 6.66 25.91 28.86
C PRO A 601 6.11 24.89 29.84
N LYS A 602 5.07 24.19 29.42
CA LYS A 602 4.43 23.17 30.25
C LYS A 602 3.73 22.12 29.40
N ILE B 1 2.93 11.14 16.97
CA ILE B 1 3.75 10.62 18.05
C ILE B 1 2.86 10.07 19.17
N VAL B 2 3.18 8.85 19.62
CA VAL B 2 2.41 8.26 20.71
C VAL B 2 2.66 9.02 22.02
N GLY B 3 3.93 9.21 22.37
CA GLY B 3 4.27 9.96 23.57
C GLY B 3 4.54 11.43 23.28
N GLY B 4 3.68 12.07 22.50
CA GLY B 4 3.84 13.46 22.15
C GLY B 4 2.69 14.30 22.66
N SER B 5 2.96 15.59 22.88
CA SER B 5 1.98 16.53 23.37
C SER B 5 1.38 17.33 22.22
N ASN B 6 0.17 17.83 22.43
CA ASN B 6 -0.52 18.60 21.42
C ASN B 6 0.20 19.93 21.17
N ALA B 7 0.45 20.23 19.90
CA ALA B 7 1.14 21.46 19.51
C ALA B 7 0.14 22.60 19.36
N LYS B 8 0.61 23.82 19.59
CA LYS B 8 -0.23 25.00 19.48
C LYS B 8 -0.59 25.26 18.02
N GLU B 9 -1.85 25.60 17.78
CA GLU B 9 -2.33 25.88 16.43
C GLU B 9 -1.64 27.12 15.87
N GLY B 10 -0.82 26.94 14.83
CA GLY B 10 -0.09 28.02 14.21
C GLY B 10 1.40 28.01 14.48
N ALA B 11 1.88 27.17 15.41
CA ALA B 11 3.30 27.13 15.72
C ALA B 11 4.11 26.49 14.60
N TRP B 12 3.49 25.70 13.74
CA TRP B 12 4.17 25.03 12.63
C TRP B 12 3.39 25.29 11.35
N PRO B 13 3.56 26.48 10.75
CA PRO B 13 2.81 26.77 9.51
C PRO B 13 3.33 26.03 8.29
N TRP B 14 4.56 25.51 8.33
CA TRP B 14 5.13 24.78 7.21
C TRP B 14 4.88 23.27 7.30
N VAL B 15 3.81 22.86 7.97
CA VAL B 15 3.47 21.45 8.14
C VAL B 15 2.12 21.23 7.48
N VAL B 16 2.11 20.45 6.40
CA VAL B 16 0.90 20.16 5.64
C VAL B 16 0.78 18.64 5.49
N GLY B 17 -0.39 18.22 5.01
CA GLY B 17 -0.67 16.80 4.80
C GLY B 17 -1.09 16.55 3.36
N LEU B 18 -0.63 15.43 2.81
CA LEU B 18 -0.94 15.03 1.44
C LEU B 18 -2.11 14.07 1.45
N TYR B 19 -3.10 14.34 0.60
CA TYR B 19 -4.29 13.51 0.48
C TYR B 19 -4.28 12.81 -0.87
N TYR B 20 -4.35 11.49 -0.86
CA TYR B 20 -4.40 10.68 -2.08
C TYR B 20 -5.84 10.23 -2.27
N GLY B 21 -6.55 10.91 -3.17
CA GLY B 21 -7.96 10.60 -3.40
C GLY B 21 -8.84 10.87 -2.20
N GLY B 22 -8.56 11.93 -1.46
CA GLY B 22 -9.35 12.25 -0.28
C GLY B 22 -8.96 11.50 0.97
N ARG B 23 -7.74 10.97 1.02
CA ARG B 23 -7.26 10.22 2.18
C ARG B 23 -5.83 10.62 2.48
N LEU B 24 -5.56 11.00 3.73
CA LEU B 24 -4.23 11.39 4.15
C LEU B 24 -3.26 10.22 4.00
N LEU B 25 -2.35 10.31 3.04
CA LEU B 25 -1.44 9.22 2.71
C LEU B 25 -0.04 9.42 3.27
N CYS B 26 0.52 10.62 3.13
CA CYS B 26 1.90 10.85 3.53
C CYS B 26 2.07 12.32 3.89
N GLY B 27 3.19 12.63 4.54
CA GLY B 27 3.49 13.99 4.91
C GLY B 27 4.45 14.67 3.94
N ALA B 28 4.45 16.01 3.98
CA ALA B 28 5.30 16.80 3.11
C ALA B 28 5.69 18.08 3.82
N SER B 29 6.83 18.65 3.39
CA SER B 29 7.36 19.89 3.94
C SER B 29 7.21 20.99 2.89
N LEU B 30 6.40 22.00 3.19
CA LEU B 30 6.18 23.11 2.27
C LEU B 30 7.45 23.93 2.16
N VAL B 31 8.12 23.85 1.02
CA VAL B 31 9.37 24.56 0.77
C VAL B 31 9.13 25.86 0.02
N SER B 32 8.36 25.80 -1.08
CA SER B 32 8.04 26.96 -1.88
C SER B 32 6.52 27.10 -1.98
N SER B 33 6.08 28.17 -2.65
CA SER B 33 4.65 28.42 -2.84
C SER B 33 4.02 27.49 -3.85
N ASP B 34 4.82 26.76 -4.64
CA ASP B 34 4.28 25.85 -5.64
C ASP B 34 4.93 24.48 -5.66
N TRP B 35 6.07 24.28 -4.99
CA TRP B 35 6.76 23.00 -4.95
C TRP B 35 6.94 22.56 -3.51
N LEU B 36 6.63 21.29 -3.24
CA LEU B 36 6.79 20.69 -1.93
C LEU B 36 7.86 19.61 -1.98
N VAL B 37 8.18 19.07 -0.81
CA VAL B 37 9.17 18.01 -0.68
C VAL B 37 8.62 16.95 0.25
N SER B 38 8.58 15.70 -0.22
CA SER B 38 8.08 14.58 0.58
C SER B 38 8.96 13.36 0.33
N ALA B 39 8.70 12.31 1.09
CA ALA B 39 9.45 11.07 0.94
C ALA B 39 8.97 10.30 -0.29
N ALA B 40 9.92 9.63 -0.95
CA ALA B 40 9.60 8.87 -2.15
C ALA B 40 9.13 7.45 -1.82
N ALA B 41 9.38 6.96 -0.61
CA ALA B 41 8.95 5.63 -0.24
C ALA B 41 7.45 5.52 0.01
N CYS B 42 6.75 6.65 0.14
CA CYS B 42 5.32 6.65 0.38
C CYS B 42 4.51 7.10 -0.85
N VAL B 43 5.08 7.91 -1.72
CA VAL B 43 4.40 8.37 -2.92
C VAL B 43 4.82 7.57 -4.16
N TYR B 44 5.54 6.48 -3.96
CA TYR B 44 6.00 5.68 -5.09
C TYR B 44 4.84 4.94 -5.75
N GLY B 45 4.90 4.84 -7.07
CA GLY B 45 3.88 4.15 -7.84
C GLY B 45 2.58 4.91 -8.03
N ARG B 46 2.47 6.13 -7.51
CA ARG B 46 1.25 6.92 -7.62
C ARG B 46 1.46 8.20 -8.41
N ASN B 47 2.62 8.38 -9.02
CA ASN B 47 2.91 9.59 -9.78
C ASN B 47 2.25 9.60 -11.15
N LEU B 48 1.62 8.50 -11.58
CA LEU B 48 1.01 8.46 -12.90
C LEU B 48 -0.26 9.28 -12.96
N GLU B 49 -0.99 9.39 -11.84
CA GLU B 49 -2.25 10.15 -11.77
C GLU B 49 -2.07 11.28 -10.76
N PRO B 50 -1.49 12.41 -11.17
CA PRO B 50 -1.34 13.54 -10.25
C PRO B 50 -2.66 14.20 -9.88
N SER B 51 -3.69 14.08 -10.73
CA SER B 51 -4.97 14.72 -10.43
C SER B 51 -5.64 14.09 -9.21
N LYS B 52 -5.38 12.81 -8.94
CA LYS B 52 -5.94 12.17 -7.76
C LYS B 52 -5.34 12.74 -6.48
N TRP B 53 -4.06 13.12 -6.51
CA TRP B 53 -3.43 13.71 -5.35
C TRP B 53 -3.96 15.12 -5.09
N THR B 54 -3.96 15.51 -3.82
CA THR B 54 -4.37 16.85 -3.42
C THR B 54 -3.73 17.17 -2.08
N ALA B 55 -3.30 18.41 -1.91
CA ALA B 55 -2.59 18.86 -0.72
C ALA B 55 -3.41 19.93 -0.02
N ILE B 56 -3.74 19.71 1.25
CA ILE B 56 -4.45 20.67 2.06
C ILE B 56 -3.41 21.51 2.81
N LEU B 57 -3.25 22.75 2.41
CA LEU B 57 -2.27 23.65 3.02
C LEU B 57 -2.86 24.33 4.25
N GLY B 58 -2.03 24.47 5.28
CA GLY B 58 -2.48 25.09 6.51
C GLY B 58 -3.42 24.24 7.34
N LEU B 59 -3.34 22.93 7.20
CA LEU B 59 -4.21 22.01 7.93
C LEU B 59 -3.63 21.72 9.31
N HIS B 60 -4.44 21.93 10.34
CA HIS B 60 -4.05 21.66 11.71
C HIS B 60 -4.91 20.58 12.36
N MET B 61 -6.22 20.66 12.19
CA MET B 61 -7.15 19.68 12.74
C MET B 61 -8.04 19.16 11.62
N LYS B 62 -8.18 17.83 11.53
CA LYS B 62 -8.99 17.24 10.48
C LYS B 62 -10.47 17.59 10.66
N SER B 63 -10.94 17.62 11.90
CA SER B 63 -12.34 17.96 12.15
C SER B 63 -12.62 19.46 11.96
N ASN B 64 -11.58 20.29 12.00
CA ASN B 64 -11.72 21.74 11.84
C ASN B 64 -11.34 22.18 10.43
N LEU B 65 -11.66 21.36 9.42
CA LEU B 65 -11.35 21.71 8.04
C LEU B 65 -12.18 22.88 7.54
N THR B 66 -13.31 23.17 8.18
CA THR B 66 -14.15 24.28 7.77
C THR B 66 -13.53 25.64 8.07
N SER B 67 -12.44 25.68 8.82
CA SER B 67 -11.78 26.95 9.12
C SER B 67 -11.18 27.54 7.83
N PRO B 68 -11.17 28.86 7.70
CA PRO B 68 -10.62 29.47 6.48
C PRO B 68 -9.11 29.36 6.36
N GLN B 69 -8.41 28.92 7.41
CA GLN B 69 -6.96 28.80 7.35
C GLN B 69 -6.52 27.65 6.45
N THR B 70 -7.38 26.66 6.22
CA THR B 70 -7.05 25.52 5.38
C THR B 70 -7.32 25.89 3.92
N VAL B 71 -6.27 25.91 3.11
CA VAL B 71 -6.36 26.25 1.69
C VAL B 71 -6.10 24.97 0.89
N PRO B 72 -7.11 24.43 0.22
CA PRO B 72 -6.88 23.22 -0.59
C PRO B 72 -6.15 23.54 -1.89
N ARG B 73 -5.37 22.56 -2.35
CA ARG B 73 -4.60 22.70 -3.57
C ARG B 73 -4.57 21.36 -4.29
N LEU B 74 -4.47 21.42 -5.62
CA LEU B 74 -4.46 20.23 -6.47
C LEU B 74 -3.06 20.01 -7.03
N ILE B 75 -2.65 18.74 -7.06
CA ILE B 75 -1.34 18.35 -7.57
C ILE B 75 -1.45 18.09 -9.07
N ASP B 76 -0.42 18.49 -9.82
CA ASP B 76 -0.39 18.27 -11.25
C ASP B 76 0.92 17.67 -11.75
N GLU B 77 1.91 17.48 -10.88
CA GLU B 77 3.20 16.96 -11.29
C GLU B 77 3.93 16.40 -10.07
N ILE B 78 4.47 15.19 -10.21
CA ILE B 78 5.23 14.53 -9.15
C ILE B 78 6.59 14.13 -9.72
N VAL B 79 7.66 14.55 -9.04
CA VAL B 79 9.02 14.30 -9.48
C VAL B 79 9.71 13.46 -8.41
N ILE B 80 10.05 12.22 -8.75
CA ILE B 80 10.75 11.33 -7.84
C ILE B 80 12.25 11.43 -8.09
N ASN B 81 13.02 11.25 -7.02
CA ASN B 81 14.47 11.35 -7.14
C ASN B 81 15.00 10.26 -8.06
N PRO B 82 15.94 10.59 -8.96
CA PRO B 82 16.44 9.56 -9.90
C PRO B 82 17.18 8.43 -9.22
N HIS B 83 17.85 8.70 -8.09
CA HIS B 83 18.62 7.69 -7.38
C HIS B 83 17.79 6.89 -6.39
N TYR B 84 16.48 6.87 -6.55
CA TYR B 84 15.61 6.12 -5.65
C TYR B 84 15.69 4.63 -5.96
N ASN B 85 15.52 3.82 -4.92
CA ASN B 85 15.56 2.37 -5.05
C ASN B 85 14.55 1.76 -4.10
N ARG B 86 14.06 0.56 -4.46
CA ARG B 86 13.15 -0.18 -3.60
C ARG B 86 13.81 -1.36 -2.91
N ARG B 87 14.88 -1.92 -3.50
CA ARG B 87 15.63 -2.99 -2.86
C ARG B 87 16.70 -2.44 -1.92
N ARG B 88 17.47 -1.46 -2.40
CA ARG B 88 18.49 -0.83 -1.56
C ARG B 88 17.89 0.27 -0.68
N LYS B 89 16.83 0.92 -1.15
CA LYS B 89 16.13 1.98 -0.42
C LYS B 89 17.09 3.13 -0.06
N ASP B 90 17.58 3.77 -1.11
CA ASP B 90 18.51 4.88 -1.00
C ASP B 90 17.92 6.12 -1.66
N ASN B 91 18.07 7.26 -0.99
CA ASN B 91 17.61 8.56 -1.49
C ASN B 91 16.11 8.54 -1.79
N ALA B 92 15.32 8.36 -0.72
CA ALA B 92 13.87 8.28 -0.84
C ALA B 92 13.27 9.66 -0.61
N ILE B 93 13.37 10.51 -1.63
CA ILE B 93 12.79 11.84 -1.62
C ILE B 93 12.07 12.06 -2.94
N ALA B 94 11.03 12.90 -2.90
CA ALA B 94 10.24 13.18 -4.08
C ALA B 94 9.51 14.51 -3.90
N MET B 95 9.55 15.34 -4.94
CA MET B 95 8.89 16.64 -4.92
C MET B 95 7.54 16.57 -5.64
N MET B 96 6.62 17.43 -5.23
CA MET B 96 5.28 17.51 -5.80
C MET B 96 4.95 18.96 -6.10
N HIS B 97 4.45 19.21 -7.30
CA HIS B 97 4.14 20.56 -7.75
C HIS B 97 2.66 20.88 -7.52
N LEU B 98 2.38 22.15 -7.25
CA LEU B 98 1.03 22.64 -7.04
C LEU B 98 0.47 23.24 -8.32
N GLU B 99 -0.86 23.30 -8.39
CA GLU B 99 -1.51 23.82 -9.59
C GLU B 99 -1.45 25.34 -9.63
N PHE B 100 -2.01 26.01 -8.63
CA PHE B 100 -2.00 27.47 -8.56
C PHE B 100 -1.14 27.93 -7.41
N LYS B 101 -0.68 29.18 -7.52
CA LYS B 101 0.15 29.77 -6.48
C LYS B 101 -0.68 30.06 -5.23
N VAL B 102 -0.01 30.10 -4.09
CA VAL B 102 -0.65 30.37 -2.81
C VAL B 102 0.09 31.52 -2.12
N ASN B 103 -0.65 32.27 -1.31
CA ASN B 103 -0.08 33.39 -0.57
C ASN B 103 0.40 32.94 0.80
N TYR B 104 1.47 33.59 1.26
CA TYR B 104 2.05 33.28 2.56
C TYR B 104 1.18 33.93 3.64
N THR B 105 0.17 33.18 4.09
CA THR B 105 -0.75 33.67 5.10
C THR B 105 -0.13 33.49 6.49
N ASP B 106 -0.94 33.69 7.53
CA ASP B 106 -0.43 33.55 8.89
C ASP B 106 -0.16 32.09 9.24
N TYR B 107 -0.91 31.17 8.65
CA TYR B 107 -0.74 29.73 8.91
C TYR B 107 -0.07 29.00 7.76
N ILE B 108 0.42 29.73 6.76
CA ILE B 108 1.10 29.13 5.61
C ILE B 108 2.41 29.88 5.41
N GLN B 109 3.52 29.23 5.76
CA GLN B 109 4.85 29.82 5.62
C GLN B 109 5.80 28.78 5.06
N PRO B 110 6.75 29.18 4.22
CA PRO B 110 7.70 28.23 3.67
C PRO B 110 8.77 27.84 4.68
N ILE B 111 9.36 26.66 4.45
CA ILE B 111 10.39 26.13 5.30
C ILE B 111 11.75 26.49 4.71
N CYS B 112 12.78 26.46 5.56
CA CYS B 112 14.13 26.81 5.17
C CYS B 112 14.91 25.55 4.78
N LEU B 113 15.63 25.63 3.67
CA LEU B 113 16.43 24.50 3.21
C LEU B 113 17.83 24.56 3.82
N PRO B 114 18.41 23.41 4.16
CA PRO B 114 19.77 23.40 4.74
C PRO B 114 20.80 23.76 3.68
N GLU B 115 21.54 24.83 3.92
CA GLU B 115 22.58 25.26 3.00
C GLU B 115 23.76 24.30 3.04
N GLU B 116 24.57 24.35 1.98
CA GLU B 116 25.73 23.48 1.88
C GLU B 116 26.77 23.83 2.94
N ASN B 117 27.61 22.85 3.24
CA ASN B 117 28.66 22.98 4.26
C ASN B 117 28.05 23.37 5.62
N GLN B 118 27.03 22.62 6.02
CA GLN B 118 26.35 22.86 7.30
C GLN B 118 25.88 21.51 7.82
N VAL B 119 26.65 20.94 8.75
CA VAL B 119 26.35 19.63 9.33
C VAL B 119 25.78 19.83 10.72
N PHE B 120 24.68 19.14 11.00
CA PHE B 120 24.06 19.23 12.33
C PHE B 120 24.79 18.30 13.29
N PRO B 121 25.34 18.81 14.39
CA PRO B 121 26.06 17.93 15.32
C PRO B 121 25.10 17.02 16.06
N PRO B 122 25.55 15.83 16.44
CA PRO B 122 24.68 14.92 17.20
C PRO B 122 24.36 15.47 18.58
N GLY B 123 23.37 14.85 19.21
CA GLY B 123 22.94 15.28 20.53
C GLY B 123 22.31 16.67 20.53
N ARG B 124 21.43 16.95 19.57
CA ARG B 124 20.78 18.25 19.45
C ARG B 124 19.27 18.05 19.55
N ASN B 125 18.71 18.46 20.68
CA ASN B 125 17.28 18.27 20.94
C ASN B 125 16.46 19.25 20.12
N CYS B 126 15.58 18.73 19.26
CA CYS B 126 14.68 19.55 18.47
C CYS B 126 13.52 18.70 18.01
N SER B 127 12.29 19.19 18.22
CA SER B 127 11.09 18.41 17.99
C SER B 127 10.73 18.40 16.50
N ILE B 128 9.79 17.51 16.15
CA ILE B 128 9.31 17.34 14.79
C ILE B 128 7.80 17.52 14.78
N ALA B 129 7.21 17.38 13.59
CA ALA B 129 5.76 17.49 13.43
C ALA B 129 5.39 16.76 12.14
N GLY B 130 4.12 16.90 11.76
CA GLY B 130 3.61 16.27 10.56
C GLY B 130 2.27 15.59 10.74
N ASN B 142 -5.35 13.07 14.19
CA ASN B 142 -6.21 14.24 14.09
C ASN B 142 -5.47 15.50 14.55
N ILE B 143 -5.00 15.48 15.80
CA ILE B 143 -4.26 16.60 16.37
C ILE B 143 -2.79 16.43 16.05
N LEU B 144 -2.17 17.47 15.50
CA LEU B 144 -0.76 17.44 15.11
C LEU B 144 0.09 17.57 16.38
N GLN B 145 0.44 16.42 16.96
CA GLN B 145 1.26 16.40 18.15
C GLN B 145 2.74 16.52 17.79
N GLU B 146 3.56 16.77 18.82
CA GLU B 146 4.98 16.93 18.62
C GLU B 146 5.72 16.37 19.83
N ALA B 147 6.98 16.00 19.61
CA ALA B 147 7.83 15.46 20.68
C ALA B 147 9.28 15.72 20.33
N ASP B 148 10.10 15.93 21.35
CA ASP B 148 11.50 16.24 21.16
C ASP B 148 12.26 15.01 20.68
N VAL B 149 13.10 15.20 19.65
CA VAL B 149 13.88 14.12 19.07
C VAL B 149 15.33 14.57 18.97
N PRO B 150 16.25 13.94 19.70
CA PRO B 150 17.66 14.33 19.60
C PRO B 150 18.35 13.69 18.41
N LEU B 151 19.50 14.25 18.06
CA LEU B 151 20.30 13.75 16.95
C LEU B 151 21.34 12.75 17.44
N LEU B 152 21.54 11.69 16.66
CA LEU B 152 22.51 10.66 16.98
C LEU B 152 23.53 10.53 15.85
N SER B 153 24.61 9.81 16.14
CA SER B 153 25.68 9.58 15.18
C SER B 153 25.34 8.39 14.28
N ASN B 154 26.02 8.35 13.12
CA ASN B 154 25.78 7.27 12.17
C ASN B 154 26.45 5.97 12.60
N GLU B 155 27.55 6.06 13.34
CA GLU B 155 28.25 4.84 13.77
C GLU B 155 27.41 4.04 14.74
N ARG B 156 26.90 4.69 15.79
CA ARG B 156 26.03 4.00 16.73
C ARG B 156 24.73 3.54 16.07
N CYS B 157 24.22 4.33 15.12
CA CYS B 157 23.00 3.94 14.42
C CYS B 157 23.22 2.67 13.60
N GLN B 158 24.40 2.55 12.97
CA GLN B 158 24.70 1.34 12.21
C GLN B 158 24.97 0.16 13.14
N GLN B 159 25.63 0.41 14.28
CA GLN B 159 25.91 -0.67 15.21
C GLN B 159 24.65 -1.21 15.87
N GLN B 160 23.64 -0.35 16.06
CA GLN B 160 22.39 -0.82 16.67
C GLN B 160 21.57 -1.65 15.68
N MET B 161 21.65 -1.32 14.39
CA MET B 161 20.92 -2.05 13.35
C MET B 161 21.92 -2.51 12.29
N PRO B 162 22.61 -3.62 12.54
CA PRO B 162 23.59 -4.13 11.57
C PRO B 162 22.97 -4.91 10.42
N GLU B 163 21.64 -5.06 10.38
CA GLU B 163 21.01 -5.82 9.31
C GLU B 163 21.06 -5.07 7.98
N TYR B 164 21.11 -3.75 8.01
CA TYR B 164 21.12 -2.93 6.81
C TYR B 164 22.26 -1.92 6.90
N ASN B 165 22.81 -1.58 5.73
CA ASN B 165 23.93 -0.65 5.64
C ASN B 165 23.39 0.77 5.51
N ILE B 166 23.59 1.57 6.56
CA ILE B 166 23.17 2.96 6.56
C ILE B 166 24.36 3.81 6.11
N THR B 167 24.26 4.39 4.92
CA THR B 167 25.35 5.18 4.37
C THR B 167 25.27 6.62 4.89
N GLU B 168 26.09 7.51 4.32
CA GLU B 168 26.12 8.89 4.74
C GLU B 168 24.93 9.69 4.22
N ASN B 169 24.27 9.21 3.17
CA ASN B 169 23.15 9.95 2.56
C ASN B 169 21.94 10.05 3.49
N MET B 170 21.94 9.37 4.63
CA MET B 170 20.86 9.45 5.59
C MET B 170 21.43 9.69 6.98
N ILE B 171 20.60 10.28 7.84
CA ILE B 171 20.98 10.62 9.20
C ILE B 171 19.92 10.09 10.15
N CYS B 172 20.36 9.56 11.30
CA CYS B 172 19.45 9.00 12.29
C CYS B 172 19.20 10.02 13.40
N ALA B 173 18.02 9.92 14.00
CA ALA B 173 17.63 10.81 15.09
C ALA B 173 16.49 10.17 15.86
N GLY B 174 16.69 9.95 17.16
CA GLY B 174 15.65 9.36 17.98
C GLY B 174 16.20 8.99 19.34
N TYR B 175 15.27 8.60 20.22
CA TYR B 175 15.64 8.20 21.56
C TYR B 175 16.40 6.89 21.55
N GLU B 176 17.39 6.78 22.43
CA GLU B 176 18.17 5.54 22.51
C GLU B 176 17.35 4.41 23.11
N GLU B 177 16.58 4.70 24.16
CA GLU B 177 15.75 3.71 24.82
C GLU B 177 14.40 3.54 24.16
N GLY B 178 14.09 4.34 23.14
CA GLY B 178 12.81 4.24 22.46
C GLY B 178 11.63 4.65 23.34
N GLY B 179 10.44 4.29 22.87
CA GLY B 179 9.22 4.59 23.58
C GLY B 179 8.46 5.77 23.01
N ILE B 180 9.20 6.80 22.60
CA ILE B 180 8.61 8.00 22.02
C ILE B 180 9.36 8.28 20.72
N ASP B 181 8.80 7.86 19.59
CA ASP B 181 9.43 8.06 18.30
C ASP B 181 8.44 8.67 17.31
N GLY B 188 6.66 10.71 6.99
CA GLY B 188 6.59 11.84 6.07
C GLY B 188 6.83 13.17 6.75
N GLY B 189 6.87 13.16 8.08
CA GLY B 189 7.09 14.35 8.85
C GLY B 189 8.50 14.87 8.71
N PRO B 190 8.66 16.19 8.69
CA PRO B 190 9.99 16.78 8.54
C PRO B 190 10.75 16.80 9.87
N LEU B 191 12.07 16.84 9.75
CA LEU B 191 12.97 16.93 10.90
C LEU B 191 13.37 18.39 11.05
N MET B 192 12.57 19.13 11.82
CA MET B 192 12.79 20.55 12.04
C MET B 192 13.73 20.75 13.22
N CYS B 193 14.86 21.41 12.98
CA CYS B 193 15.83 21.69 14.03
C CYS B 193 16.21 23.17 13.96
N GLN B 194 15.94 23.90 15.03
CA GLN B 194 16.17 25.34 15.04
C GLN B 194 17.66 25.66 14.98
N GLU B 195 18.00 26.69 14.21
CA GLU B 195 19.40 27.12 14.07
C GLU B 195 19.40 28.64 13.90
N ASN B 196 19.94 29.34 14.91
CA ASN B 196 20.04 30.80 14.90
C ASN B 196 18.65 31.43 14.73
N ASN B 197 17.74 31.06 15.63
CA ASN B 197 16.37 31.58 15.64
C ASN B 197 15.67 31.30 14.30
N ARG B 198 15.94 30.13 13.73
CA ARG B 198 15.36 29.75 12.45
C ARG B 198 15.40 28.24 12.32
N TRP B 199 14.28 27.66 11.91
CA TRP B 199 14.17 26.21 11.75
C TRP B 199 14.58 25.80 10.34
N PHE B 200 15.33 24.71 10.26
CA PHE B 200 15.80 24.15 9.00
C PHE B 200 15.12 22.81 8.74
N LEU B 201 15.49 22.19 7.62
CA LEU B 201 14.97 20.89 7.21
C LEU B 201 16.14 19.89 7.28
N ALA B 202 16.29 19.27 8.44
CA ALA B 202 17.39 18.34 8.69
C ALA B 202 17.04 16.90 8.31
N GLY B 203 15.84 16.65 7.81
CA GLY B 203 15.46 15.32 7.42
C GLY B 203 13.95 15.17 7.33
N VAL B 204 13.54 13.99 6.88
CA VAL B 204 12.13 13.62 6.75
C VAL B 204 11.92 12.27 7.42
N THR B 205 10.79 12.12 8.09
CA THR B 205 10.45 10.86 8.76
C THR B 205 10.25 9.79 7.69
N SER B 206 11.23 8.89 7.57
CA SER B 206 11.23 7.91 6.48
C SER B 206 10.56 6.59 6.88
N PHE B 207 11.09 5.93 7.90
CA PHE B 207 10.65 4.59 8.23
C PHE B 207 10.95 4.29 9.69
N GLY B 208 10.67 3.05 10.09
CA GLY B 208 11.00 2.54 11.40
C GLY B 208 10.78 1.05 11.50
N TYR B 209 11.75 0.33 12.04
CA TYR B 209 11.65 -1.13 12.12
C TYR B 209 10.46 -1.54 12.99
N LYS B 210 10.47 -1.14 14.26
CA LYS B 210 9.38 -1.43 15.18
C LYS B 210 9.16 -0.22 16.07
N CYS B 211 7.98 0.38 16.01
CA CYS B 211 7.66 1.52 16.84
C CYS B 211 7.47 1.10 18.29
N ALA B 212 7.80 2.02 19.21
CA ALA B 212 7.69 1.78 20.65
C ALA B 212 8.57 0.61 21.08
N LEU B 213 9.74 0.49 20.46
CA LEU B 213 10.72 -0.52 20.81
C LEU B 213 12.05 0.15 21.12
N PRO B 214 12.80 -0.36 22.10
CA PRO B 214 14.09 0.25 22.43
C PRO B 214 15.11 0.04 21.32
N ASN B 215 16.16 0.86 21.37
CA ASN B 215 17.24 0.82 20.38
C ASN B 215 16.70 1.03 18.97
N ARG B 216 15.82 2.02 18.82
CA ARG B 216 15.21 2.35 17.53
C ARG B 216 15.20 3.85 17.36
N PRO B 217 16.34 4.45 16.98
CA PRO B 217 16.38 5.90 16.75
C PRO B 217 15.52 6.32 15.57
N GLY B 218 15.72 5.67 14.42
CA GLY B 218 15.01 6.03 13.21
C GLY B 218 15.87 6.81 12.24
N VAL B 219 16.09 6.25 11.05
CA VAL B 219 16.95 6.86 10.04
C VAL B 219 16.12 7.78 9.17
N TYR B 220 16.61 9.00 8.96
CA TYR B 220 15.94 9.99 8.15
C TYR B 220 16.81 10.39 6.96
N ALA B 221 16.16 10.74 5.86
CA ALA B 221 16.89 11.13 4.65
C ALA B 221 17.54 12.49 4.85
N ARG B 222 18.86 12.55 4.67
CA ARG B 222 19.61 13.78 4.86
C ARG B 222 19.29 14.74 3.72
N VAL B 223 18.60 15.84 4.05
CA VAL B 223 18.20 16.80 3.02
C VAL B 223 19.38 17.66 2.58
N SER B 224 20.38 17.84 3.46
CA SER B 224 21.51 18.70 3.14
C SER B 224 22.34 18.20 1.97
N ARG B 225 22.14 16.95 1.55
CA ARG B 225 22.85 16.40 0.40
C ARG B 225 22.11 16.60 -0.91
N PHE B 226 20.92 17.22 -0.87
CA PHE B 226 20.11 17.43 -2.07
C PHE B 226 19.60 18.86 -2.15
N THR B 227 20.39 19.82 -1.67
CA THR B 227 19.96 21.22 -1.69
C THR B 227 19.86 21.74 -3.12
N GLU B 228 20.89 21.49 -3.93
CA GLU B 228 20.87 21.95 -5.32
C GLU B 228 19.82 21.21 -6.15
N TRP B 229 19.46 19.99 -5.74
CA TRP B 229 18.43 19.25 -6.46
C TRP B 229 17.05 19.81 -6.17
N ILE B 230 16.81 20.24 -4.93
CA ILE B 230 15.52 20.82 -4.58
C ILE B 230 15.39 22.23 -5.11
N GLN B 231 16.45 23.04 -4.98
CA GLN B 231 16.40 24.42 -5.44
C GLN B 231 16.33 24.53 -6.95
N SER B 232 16.69 23.48 -7.68
CA SER B 232 16.64 23.53 -9.14
C SER B 232 15.21 23.52 -9.67
N PHE B 233 14.24 23.05 -8.88
CA PHE B 233 12.85 23.00 -9.30
C PHE B 233 11.98 24.05 -8.63
N LEU B 234 12.51 24.81 -7.67
CA LEU B 234 11.72 25.84 -7.00
C LEU B 234 11.37 26.97 -7.96
N HIS B 235 12.22 27.25 -8.95
CA HIS B 235 11.98 28.31 -9.90
C HIS B 235 10.97 27.89 -10.96
N ALA C 1 17.79 3.87 5.19
CA ALA C 1 17.18 2.92 4.26
C ALA C 1 15.76 2.58 4.69
N PRO C 2 14.77 3.17 4.04
CA PRO C 2 13.35 2.92 4.40
C PRO C 2 12.81 1.59 3.86
N PHE C 3 13.16 0.50 4.54
CA PHE C 3 12.67 -0.82 4.15
C PHE C 3 11.34 -1.17 4.80
N ASP C 4 11.06 -0.64 5.98
CA ASP C 4 9.80 -0.87 6.70
C ASP C 4 9.29 0.48 7.17
N ASP C 5 8.40 1.09 6.37
CA ASP C 5 7.88 2.42 6.67
C ASP C 5 6.63 2.29 7.54
N ASP C 6 6.85 2.18 8.84
CA ASP C 6 5.74 2.06 9.79
C ASP C 6 5.96 2.89 11.05
N ASP C 7 6.89 3.84 11.04
CA ASP C 7 7.14 4.72 12.18
C ASP C 7 6.49 6.08 12.00
N LYS C 8 5.29 6.12 11.43
CA LYS C 8 4.60 7.38 11.22
C LYS C 8 4.14 7.96 12.57
N ILE C 9 3.54 9.14 12.49
CA ILE C 9 3.16 9.91 13.67
C ILE C 9 1.65 10.09 13.67
N VAL C 10 1.15 11.04 14.47
CA VAL C 10 -0.27 11.37 14.54
C VAL C 10 -0.85 11.48 13.13
N GLY C 11 -1.99 10.83 12.92
CA GLY C 11 -2.50 10.64 11.57
C GLY C 11 -1.77 9.50 10.88
N GLY C 12 -1.82 9.51 9.55
CA GLY C 12 -1.04 8.58 8.74
C GLY C 12 -1.05 7.16 9.24
N TYR C 13 -2.20 6.48 9.14
CA TYR C 13 -2.34 5.14 9.70
C TYR C 13 -1.27 4.19 9.16
N ASN C 14 -1.00 3.14 9.94
CA ASN C 14 0.15 2.26 9.70
C ASN C 14 -0.12 1.36 8.51
N CYS C 15 0.20 1.86 7.32
CA CYS C 15 0.15 1.11 6.07
C CYS C 15 -1.24 0.51 5.84
N GLU C 16 -2.22 1.40 5.71
CA GLU C 16 -3.59 0.99 5.43
C GLU C 16 -4.34 2.16 4.81
N GLU C 17 -5.36 1.85 4.02
CA GLU C 17 -6.15 2.86 3.36
C GLU C 17 -7.36 3.22 4.20
N ASN C 18 -7.85 4.44 4.01
CA ASN C 18 -8.96 4.98 4.80
C ASN C 18 -9.86 5.77 3.85
N SER C 19 -10.75 6.58 4.43
CA SER C 19 -11.69 7.41 3.67
C SER C 19 -12.65 6.57 2.83
N VAL C 20 -13.00 5.40 3.33
CA VAL C 20 -13.98 4.53 2.68
C VAL C 20 -15.22 4.47 3.57
N PRO C 21 -16.18 5.38 3.41
CA PRO C 21 -17.31 5.42 4.35
C PRO C 21 -18.25 4.23 4.21
N TYR C 22 -18.37 3.65 3.03
CA TYR C 22 -19.28 2.53 2.82
C TYR C 22 -18.70 1.20 3.28
N GLN C 23 -17.49 1.19 3.84
CA GLN C 23 -16.86 -0.04 4.31
C GLN C 23 -17.25 -0.27 5.77
N VAL C 24 -17.86 -1.43 6.04
CA VAL C 24 -18.22 -1.84 7.39
C VAL C 24 -17.69 -3.25 7.63
N SER C 25 -17.43 -3.56 8.89
CA SER C 25 -16.87 -4.85 9.28
C SER C 25 -17.93 -5.63 10.06
N LEU C 26 -18.27 -6.81 9.54
CA LEU C 26 -19.20 -7.70 10.24
C LEU C 26 -18.45 -8.47 11.31
N ASN C 27 -18.89 -8.33 12.56
CA ASN C 27 -18.21 -8.93 13.70
C ASN C 27 -19.15 -9.87 14.43
N SER C 28 -18.68 -11.09 14.69
CA SER C 28 -19.38 -12.08 15.50
C SER C 28 -18.41 -12.71 16.49
N GLY C 29 -17.61 -11.87 17.13
CA GLY C 29 -16.48 -12.30 17.93
C GLY C 29 -15.15 -12.16 17.24
N TYR C 30 -15.14 -12.11 15.92
CA TYR C 30 -13.92 -11.92 15.13
C TYR C 30 -14.33 -11.51 13.72
N HIS C 31 -13.45 -10.78 13.06
CA HIS C 31 -13.72 -10.31 11.70
C HIS C 31 -13.72 -11.49 10.74
N PHE C 32 -14.82 -11.65 10.00
CA PHE C 32 -14.96 -12.74 9.05
C PHE C 32 -15.30 -12.28 7.64
N CYS C 33 -16.14 -11.25 7.51
CA CYS C 33 -16.53 -10.74 6.20
C CYS C 33 -16.70 -9.22 6.28
N GLY C 34 -16.76 -8.60 5.12
CA GLY C 34 -17.01 -7.17 5.01
C GLY C 34 -18.47 -6.86 4.78
N GLY C 35 -18.73 -5.65 4.32
CA GLY C 35 -20.10 -5.22 4.07
C GLY C 35 -20.13 -4.03 3.14
N SER C 36 -21.36 -3.62 2.82
CA SER C 36 -21.59 -2.47 1.94
C SER C 36 -22.76 -1.67 2.50
N LEU C 37 -22.51 -0.42 2.87
CA LEU C 37 -23.52 0.46 3.44
C LEU C 37 -24.16 1.27 2.32
N ILE C 38 -25.42 0.99 2.01
CA ILE C 38 -26.12 1.64 0.92
C ILE C 38 -27.03 2.74 1.47
N ASN C 39 -27.48 2.57 2.71
CA ASN C 39 -28.35 3.56 3.35
C ASN C 39 -28.07 3.55 4.85
N GLU C 40 -28.98 4.12 5.63
CA GLU C 40 -28.80 4.22 7.07
C GLU C 40 -29.32 3.02 7.83
N GLN C 41 -30.02 2.09 7.17
CA GLN C 41 -30.60 0.96 7.89
C GLN C 41 -30.45 -0.36 7.14
N TRP C 42 -29.57 -0.43 6.14
CA TRP C 42 -29.37 -1.66 5.40
C TRP C 42 -27.90 -1.81 5.03
N VAL C 43 -27.39 -3.04 5.14
CA VAL C 43 -26.01 -3.36 4.80
C VAL C 43 -26.02 -4.53 3.83
N VAL C 44 -25.24 -4.41 2.75
CA VAL C 44 -25.14 -5.44 1.72
C VAL C 44 -23.88 -6.25 1.98
N SER C 45 -24.00 -7.58 1.91
CA SER C 45 -22.87 -8.47 2.14
C SER C 45 -23.05 -9.71 1.28
N ALA C 46 -22.13 -10.65 1.43
CA ALA C 46 -22.19 -11.90 0.69
C ALA C 46 -23.13 -12.89 1.36
N GLY C 47 -23.75 -13.74 0.53
CA GLY C 47 -24.72 -14.68 1.04
C GLY C 47 -24.11 -15.78 1.90
N HIS C 48 -22.88 -16.20 1.58
CA HIS C 48 -22.24 -17.25 2.35
C HIS C 48 -21.77 -16.79 3.73
N CYS C 49 -21.74 -15.47 3.96
CA CYS C 49 -21.34 -14.93 5.26
C CYS C 49 -22.50 -14.88 6.26
N TYR C 50 -23.57 -15.61 6.00
CA TYR C 50 -24.73 -15.59 6.89
C TYR C 50 -24.41 -16.32 8.19
N LYS C 51 -24.73 -15.67 9.32
CA LYS C 51 -24.53 -16.25 10.64
C LYS C 51 -25.75 -15.93 11.50
N SER C 52 -25.78 -16.54 12.69
CA SER C 52 -26.91 -16.33 13.59
C SER C 52 -26.89 -14.93 14.20
N ARG C 53 -25.73 -14.53 14.74
CA ARG C 53 -25.58 -13.23 15.38
C ARG C 53 -24.39 -12.52 14.75
N ILE C 54 -24.65 -11.36 14.15
CA ILE C 54 -23.62 -10.56 13.50
C ILE C 54 -23.77 -9.12 13.97
N GLN C 55 -22.68 -8.56 14.52
CA GLN C 55 -22.66 -7.17 14.97
C GLN C 55 -22.03 -6.31 13.88
N VAL C 56 -22.86 -5.52 13.21
CA VAL C 56 -22.40 -4.68 12.12
C VAL C 56 -21.64 -3.49 12.73
N ARG C 57 -20.33 -3.45 12.49
CA ARG C 57 -19.48 -2.37 12.99
C ARG C 57 -19.30 -1.34 11.89
N LEU C 58 -19.84 -0.15 12.09
CA LEU C 58 -19.76 0.93 11.12
C LEU C 58 -18.66 1.92 11.52
N GLY C 59 -18.00 2.47 10.52
CA GLY C 59 -16.92 3.41 10.77
C GLY C 59 -15.67 2.80 11.36
N GLU C 60 -15.51 1.49 11.27
CA GLU C 60 -14.34 0.82 11.81
C GLU C 60 -13.16 0.94 10.86
N HIS C 61 -12.02 1.40 11.39
CA HIS C 61 -10.78 1.48 10.64
C HIS C 61 -9.75 0.48 11.12
N ASN C 62 -9.50 0.41 12.42
CA ASN C 62 -8.62 -0.58 13.02
C ASN C 62 -9.48 -1.52 13.86
N ILE C 63 -9.54 -2.80 13.46
CA ILE C 63 -10.41 -3.76 14.13
C ILE C 63 -9.98 -4.07 15.55
N GLU C 64 -8.79 -3.64 15.96
CA GLU C 64 -8.29 -3.90 17.31
C GLU C 64 -8.03 -2.63 18.11
N VAL C 65 -8.05 -1.45 17.49
CA VAL C 65 -7.80 -0.18 18.17
C VAL C 65 -9.02 0.70 17.98
N LEU C 66 -9.54 1.22 19.09
CA LEU C 66 -10.70 2.11 19.05
C LEU C 66 -10.24 3.54 18.78
N GLU C 67 -10.72 4.11 17.67
CA GLU C 67 -10.33 5.46 17.28
C GLU C 67 -11.34 6.53 17.71
N GLY C 68 -12.51 6.13 18.21
CA GLY C 68 -13.50 7.07 18.68
C GLY C 68 -14.53 7.49 17.65
N ASN C 69 -14.46 6.95 16.43
CA ASN C 69 -15.41 7.30 15.37
C ASN C 69 -16.16 6.08 14.86
N GLU C 70 -16.19 5.00 15.64
CA GLU C 70 -16.86 3.77 15.24
C GLU C 70 -18.33 3.79 15.66
N GLN C 71 -19.14 3.04 14.94
CA GLN C 71 -20.58 2.93 15.22
C GLN C 71 -20.93 1.45 15.27
N PHE C 72 -21.27 0.95 16.46
CA PHE C 72 -21.62 -0.45 16.67
C PHE C 72 -23.13 -0.59 16.69
N ILE C 73 -23.69 -1.16 15.63
CA ILE C 73 -25.13 -1.36 15.50
C ILE C 73 -25.38 -2.84 15.22
N ASN C 74 -26.21 -3.47 16.05
CA ASN C 74 -26.51 -4.88 15.88
C ASN C 74 -27.45 -5.09 14.70
N ALA C 75 -27.35 -6.26 14.09
CA ALA C 75 -28.18 -6.61 12.95
C ALA C 75 -29.60 -6.93 13.40
N ALA C 76 -30.58 -6.27 12.79
CA ALA C 76 -31.97 -6.51 13.14
C ALA C 76 -32.54 -7.73 12.42
N LYS C 77 -32.29 -7.84 11.12
CA LYS C 77 -32.79 -8.96 10.34
C LYS C 77 -31.95 -9.10 9.08
N ILE C 78 -31.60 -10.34 8.74
CA ILE C 78 -30.81 -10.65 7.55
C ILE C 78 -31.68 -11.46 6.60
N ILE C 79 -31.83 -10.97 5.38
CA ILE C 79 -32.65 -11.61 4.36
C ILE C 79 -31.75 -11.92 3.17
N ARG C 80 -31.49 -13.21 2.95
CA ARG C 80 -30.67 -13.63 1.83
C ARG C 80 -31.51 -13.70 0.55
N HIS C 81 -30.82 -13.94 -0.56
CA HIS C 81 -31.50 -14.02 -1.85
C HIS C 81 -32.30 -15.33 -1.93
N PRO C 82 -33.53 -15.29 -2.45
CA PRO C 82 -34.32 -16.53 -2.51
C PRO C 82 -33.79 -17.53 -3.52
N GLN C 83 -33.15 -17.07 -4.59
CA GLN C 83 -32.58 -17.96 -5.61
C GLN C 83 -31.09 -18.21 -5.39
N TYR C 84 -30.63 -18.09 -4.14
CA TYR C 84 -29.22 -18.31 -3.83
C TYR C 84 -28.90 -19.80 -3.97
N ASP C 85 -28.17 -20.14 -5.03
CA ASP C 85 -27.73 -21.52 -5.26
C ASP C 85 -26.49 -21.76 -4.42
N ARG C 86 -26.66 -22.48 -3.31
CA ARG C 86 -25.54 -22.72 -2.40
C ARG C 86 -24.45 -23.57 -3.04
N LYS C 87 -24.83 -24.46 -3.95
CA LYS C 87 -23.83 -25.35 -4.57
C LYS C 87 -22.90 -24.57 -5.50
N THR C 88 -23.46 -23.74 -6.36
CA THR C 88 -22.67 -22.98 -7.33
C THR C 88 -22.41 -21.55 -6.88
N LEU C 89 -22.77 -21.19 -5.65
CA LEU C 89 -22.56 -19.86 -5.10
C LEU C 89 -23.23 -18.78 -5.94
N ASN C 90 -24.31 -19.15 -6.63
CA ASN C 90 -25.05 -18.19 -7.43
C ASN C 90 -25.91 -17.30 -6.55
N ASN C 91 -26.12 -16.07 -7.00
CA ASN C 91 -26.88 -15.05 -6.25
C ASN C 91 -26.26 -14.81 -4.88
N ASP C 92 -24.93 -14.75 -4.84
CA ASP C 92 -24.19 -14.58 -3.59
C ASP C 92 -24.29 -13.13 -3.14
N ILE C 93 -25.47 -12.77 -2.61
CA ILE C 93 -25.73 -11.43 -2.11
C ILE C 93 -26.87 -11.48 -1.11
N MET C 94 -26.69 -10.80 0.03
CA MET C 94 -27.70 -10.75 1.06
C MET C 94 -27.77 -9.33 1.62
N LEU C 95 -28.88 -9.04 2.31
CA LEU C 95 -29.11 -7.74 2.91
C LEU C 95 -29.17 -7.87 4.43
N ILE C 96 -28.57 -6.92 5.12
CA ILE C 96 -28.52 -6.90 6.58
C ILE C 96 -29.16 -5.62 7.06
N LYS C 97 -30.30 -5.73 7.75
CA LYS C 97 -31.02 -4.58 8.25
C LYS C 97 -30.48 -4.17 9.61
N LEU C 98 -30.13 -2.89 9.74
CA LEU C 98 -29.62 -2.38 11.00
C LEU C 98 -30.74 -2.16 12.00
N SER C 99 -30.41 -2.32 13.29
CA SER C 99 -31.40 -2.12 14.34
C SER C 99 -31.71 -0.64 14.55
N SER C 100 -30.76 0.24 14.24
CA SER C 100 -30.95 1.68 14.41
C SER C 100 -30.28 2.40 13.25
N ARG C 101 -30.79 3.61 12.97
CA ARG C 101 -30.24 4.42 11.89
C ARG C 101 -28.86 4.95 12.27
N ALA C 102 -27.92 4.82 11.34
CA ALA C 102 -26.56 5.29 11.58
C ALA C 102 -26.47 6.79 11.41
N VAL C 103 -25.54 7.39 12.17
CA VAL C 103 -25.32 8.84 12.11
C VAL C 103 -24.45 9.13 10.90
N ILE C 104 -25.03 9.79 9.90
CA ILE C 104 -24.31 10.13 8.68
C ILE C 104 -23.41 11.32 8.96
N ASN C 105 -22.12 11.18 8.63
CA ASN C 105 -21.14 12.23 8.85
C ASN C 105 -20.09 12.13 7.75
N ALA C 106 -18.95 12.81 7.96
CA ALA C 106 -17.88 12.81 6.96
C ALA C 106 -17.19 11.45 6.87
N ARG C 107 -17.28 10.62 7.90
CA ARG C 107 -16.62 9.31 7.89
C ARG C 107 -17.58 8.17 7.59
N VAL C 108 -18.89 8.37 7.75
CA VAL C 108 -19.89 7.34 7.49
C VAL C 108 -20.96 7.96 6.61
N SER C 109 -21.03 7.52 5.36
CA SER C 109 -22.05 8.00 4.42
C SER C 109 -22.59 6.81 3.65
N THR C 110 -23.36 7.09 2.61
CA THR C 110 -24.00 6.07 1.78
C THR C 110 -23.38 6.03 0.40
N ILE C 111 -23.51 4.87 -0.25
CA ILE C 111 -23.01 4.66 -1.60
C ILE C 111 -24.18 4.68 -2.57
N SER C 112 -23.93 5.17 -3.78
CA SER C 112 -24.97 5.26 -4.79
C SER C 112 -25.22 3.90 -5.43
N LEU C 113 -26.48 3.64 -5.77
CA LEU C 113 -26.83 2.38 -6.41
C LEU C 113 -26.36 2.38 -7.87
N PRO C 114 -26.01 1.21 -8.39
CA PRO C 114 -25.55 1.14 -9.79
C PRO C 114 -26.71 1.34 -10.75
N THR C 115 -26.49 2.17 -11.77
CA THR C 115 -27.49 2.43 -12.80
C THR C 115 -27.10 1.91 -14.17
N ALA C 116 -25.88 1.40 -14.34
CA ALA C 116 -25.40 0.88 -15.61
C ALA C 116 -24.46 -0.28 -15.35
N PRO C 117 -24.45 -1.30 -16.20
CA PRO C 117 -23.56 -2.43 -15.99
C PRO C 117 -22.11 -2.00 -16.17
N PRO C 118 -21.18 -2.59 -15.41
CA PRO C 118 -19.78 -2.20 -15.54
C PRO C 118 -19.18 -2.69 -16.86
N ALA C 119 -18.58 -1.77 -17.61
CA ALA C 119 -17.95 -2.13 -18.87
C ALA C 119 -16.55 -2.67 -18.64
N THR C 120 -16.02 -3.33 -19.66
CA THR C 120 -14.68 -3.92 -19.58
C THR C 120 -13.64 -2.82 -19.45
N GLY C 121 -12.80 -2.93 -18.42
CA GLY C 121 -11.76 -1.94 -18.16
C GLY C 121 -12.14 -0.85 -17.19
N THR C 122 -13.34 -0.89 -16.61
CA THR C 122 -13.77 0.14 -15.68
C THR C 122 -13.00 0.00 -14.37
N LYS C 123 -12.42 1.11 -13.91
CA LYS C 123 -11.68 1.12 -12.66
C LYS C 123 -12.64 1.02 -11.48
N CYS C 124 -12.35 0.10 -10.56
CA CYS C 124 -13.18 -0.16 -9.41
C CYS C 124 -12.35 -0.12 -8.14
N LEU C 125 -12.99 0.24 -7.03
CA LEU C 125 -12.34 0.29 -5.73
C LEU C 125 -12.83 -0.88 -4.88
N ILE C 126 -11.90 -1.71 -4.43
CA ILE C 126 -12.20 -2.88 -3.60
C ILE C 126 -11.48 -2.70 -2.27
N SER C 127 -12.20 -2.94 -1.17
CA SER C 127 -11.65 -2.79 0.17
C SER C 127 -11.99 -4.01 1.01
N GLY C 128 -11.18 -4.25 2.01
CA GLY C 128 -11.39 -5.38 2.91
C GLY C 128 -10.16 -5.68 3.73
N TRP C 129 -10.33 -6.56 4.71
CA TRP C 129 -9.26 -7.00 5.59
C TRP C 129 -8.78 -8.39 5.24
N GLY C 130 -8.72 -8.73 3.95
CA GLY C 130 -8.35 -10.05 3.51
C GLY C 130 -6.86 -10.32 3.60
N ASN C 131 -6.48 -11.52 3.16
CA ASN C 131 -5.09 -11.93 3.20
C ASN C 131 -4.30 -11.21 2.11
N THR C 132 -3.07 -10.81 2.47
CA THR C 132 -2.19 -10.13 1.53
C THR C 132 -1.12 -11.03 0.94
N ALA C 133 -0.98 -12.26 1.44
CA ALA C 133 0.00 -13.20 0.95
C ALA C 133 -0.69 -14.40 0.31
N SER C 134 -0.13 -14.88 -0.80
CA SER C 134 -0.71 -16.02 -1.50
C SER C 134 -0.39 -17.35 -0.82
N SER C 135 0.60 -17.38 0.07
CA SER C 135 0.98 -18.60 0.77
C SER C 135 0.97 -18.34 2.27
N GLY C 136 0.37 -19.25 3.02
CA GLY C 136 0.29 -19.12 4.45
C GLY C 136 -0.97 -18.39 4.91
N ALA C 137 -0.90 -17.87 6.13
CA ALA C 137 -2.01 -17.14 6.74
C ALA C 137 -1.45 -15.87 7.37
N ASP C 138 -1.62 -14.73 6.67
CA ASP C 138 -1.14 -13.44 7.14
C ASP C 138 -2.31 -12.46 7.04
N TYR C 139 -3.12 -12.40 8.10
CA TYR C 139 -4.27 -11.50 8.14
C TYR C 139 -4.00 -10.37 9.12
N PRO C 140 -3.53 -9.21 8.66
CA PRO C 140 -3.28 -8.10 9.57
C PRO C 140 -4.57 -7.42 9.99
N ASP C 141 -4.44 -6.53 10.98
CA ASP C 141 -5.58 -5.78 11.51
C ASP C 141 -5.76 -4.45 10.79
N GLU C 142 -5.26 -4.31 9.58
CA GLU C 142 -5.32 -3.07 8.83
C GLU C 142 -6.20 -3.23 7.59
N LEU C 143 -6.88 -2.15 7.23
CA LEU C 143 -7.80 -2.14 6.09
C LEU C 143 -7.05 -1.74 4.83
N GLN C 144 -6.99 -2.64 3.85
CA GLN C 144 -6.30 -2.41 2.59
C GLN C 144 -7.30 -2.25 1.47
N CYS C 145 -6.94 -1.41 0.50
CA CYS C 145 -7.75 -1.16 -0.69
C CYS C 145 -6.95 -1.53 -1.94
N LEU C 146 -7.68 -1.96 -2.97
CA LEU C 146 -7.05 -2.41 -4.20
C LEU C 146 -7.95 -2.06 -5.39
N ASP C 147 -7.35 -1.47 -6.42
CA ASP C 147 -8.06 -1.14 -7.65
C ASP C 147 -7.77 -2.18 -8.71
N ALA C 148 -8.74 -2.39 -9.60
CA ALA C 148 -8.60 -3.37 -10.68
C ALA C 148 -9.60 -3.06 -11.77
N PRO C 149 -9.21 -3.12 -13.04
CA PRO C 149 -10.16 -2.90 -14.13
C PRO C 149 -11.01 -4.13 -14.38
N VAL C 150 -12.23 -3.89 -14.85
CA VAL C 150 -13.16 -4.98 -15.13
C VAL C 150 -12.67 -5.76 -16.35
N LEU C 151 -12.53 -7.07 -16.20
CA LEU C 151 -12.09 -7.91 -17.29
C LEU C 151 -13.25 -8.27 -18.21
N SER C 152 -12.91 -8.74 -19.41
CA SER C 152 -13.93 -9.10 -20.38
C SER C 152 -14.65 -10.38 -19.95
N GLN C 153 -15.85 -10.58 -20.50
CA GLN C 153 -16.63 -11.76 -20.16
C GLN C 153 -16.04 -13.02 -20.77
N ALA C 154 -15.43 -12.92 -21.95
CA ALA C 154 -14.85 -14.09 -22.59
C ALA C 154 -13.70 -14.67 -21.78
N LYS C 155 -12.75 -13.81 -21.39
CA LYS C 155 -11.63 -14.27 -20.56
C LYS C 155 -12.11 -14.72 -19.20
N CYS C 156 -13.16 -14.09 -18.66
CA CYS C 156 -13.68 -14.49 -17.36
C CYS C 156 -14.28 -15.89 -17.42
N GLU C 157 -15.03 -16.19 -18.47
CA GLU C 157 -15.59 -17.54 -18.63
C GLU C 157 -14.50 -18.55 -18.97
N ALA C 158 -13.45 -18.14 -19.68
CA ALA C 158 -12.37 -19.04 -20.00
C ALA C 158 -11.54 -19.39 -18.77
N SER C 159 -11.39 -18.44 -17.84
CA SER C 159 -10.62 -18.72 -16.63
C SER C 159 -11.37 -19.65 -15.68
N TYR C 160 -12.69 -19.69 -15.78
CA TYR C 160 -13.53 -20.55 -14.94
C TYR C 160 -14.56 -21.23 -15.84
N PRO C 161 -14.18 -22.33 -16.50
CA PRO C 161 -15.13 -23.03 -17.38
C PRO C 161 -16.28 -23.62 -16.58
N GLY C 162 -17.50 -23.23 -16.93
CA GLY C 162 -18.68 -23.73 -16.27
C GLY C 162 -18.94 -23.17 -14.89
N LYS C 163 -18.15 -22.20 -14.44
CA LYS C 163 -18.32 -21.60 -13.12
C LYS C 163 -18.82 -20.17 -13.15
N ILE C 164 -18.57 -19.44 -14.23
CA ILE C 164 -19.02 -18.05 -14.36
C ILE C 164 -20.43 -18.03 -14.92
N THR C 165 -21.34 -17.37 -14.21
CA THR C 165 -22.73 -17.26 -14.63
C THR C 165 -22.99 -15.85 -15.17
N SER C 166 -24.25 -15.59 -15.51
CA SER C 166 -24.63 -14.28 -16.03
C SER C 166 -24.54 -13.19 -14.97
N ASN C 167 -24.63 -13.54 -13.69
CA ASN C 167 -24.54 -12.57 -12.61
C ASN C 167 -23.13 -12.41 -12.08
N MET C 168 -22.14 -13.07 -12.69
CA MET C 168 -20.76 -12.98 -12.25
C MET C 168 -19.89 -12.42 -13.36
N PHE C 169 -18.82 -11.73 -12.97
CA PHE C 169 -17.89 -11.14 -13.92
C PHE C 169 -16.57 -10.87 -13.20
N CYS C 170 -15.47 -11.10 -13.90
CA CYS C 170 -14.15 -10.90 -13.31
C CYS C 170 -13.76 -9.43 -13.35
N VAL C 171 -12.92 -9.04 -12.40
CA VAL C 171 -12.41 -7.67 -12.33
C VAL C 171 -10.89 -7.68 -12.26
N GLY C 183 -10.76 -12.79 4.37
CA GLY C 183 -11.36 -11.58 4.91
C GLY C 183 -11.97 -10.69 3.85
N ASP C 184 -11.59 -10.91 2.60
CA ASP C 184 -12.11 -10.14 1.48
C ASP C 184 -13.53 -10.52 1.08
N SER C 185 -14.10 -11.55 1.71
CA SER C 185 -15.46 -11.96 1.38
C SER C 185 -16.46 -10.88 1.75
N GLY C 186 -17.33 -10.53 0.80
CA GLY C 186 -18.31 -9.50 1.02
C GLY C 186 -17.81 -8.08 0.82
N GLY C 187 -16.59 -7.91 0.32
CA GLY C 187 -16.02 -6.60 0.11
C GLY C 187 -16.73 -5.83 -0.98
N PRO C 188 -16.92 -4.53 -0.77
CA PRO C 188 -17.60 -3.71 -1.79
C PRO C 188 -16.67 -3.39 -2.96
N VAL C 189 -17.23 -3.51 -4.16
CA VAL C 189 -16.52 -3.20 -5.40
C VAL C 189 -17.27 -2.04 -6.05
N VAL C 190 -16.82 -0.82 -5.77
CA VAL C 190 -17.46 0.39 -6.27
C VAL C 190 -16.68 0.87 -7.48
N CYS C 191 -17.38 1.04 -8.60
CA CYS C 191 -16.78 1.46 -9.86
C CYS C 191 -17.37 2.82 -10.25
N ASN C 192 -16.52 3.85 -10.29
CA ASN C 192 -16.94 5.20 -10.65
C ASN C 192 -18.06 5.71 -9.76
N GLY C 193 -17.92 5.47 -8.45
CA GLY C 193 -18.91 5.93 -7.49
C GLY C 193 -20.18 5.10 -7.44
N GLN C 194 -20.19 3.91 -8.04
CA GLN C 194 -21.36 3.04 -8.03
C GLN C 194 -20.92 1.63 -7.66
N LEU C 195 -21.59 1.04 -6.68
CA LEU C 195 -21.29 -0.31 -6.23
C LEU C 195 -21.74 -1.30 -7.30
N GLN C 196 -20.80 -1.77 -8.11
CA GLN C 196 -21.12 -2.64 -9.24
C GLN C 196 -20.90 -4.12 -8.94
N GLY C 197 -20.04 -4.46 -7.99
CA GLY C 197 -19.74 -5.85 -7.72
C GLY C 197 -19.60 -6.11 -6.23
N VAL C 198 -19.70 -7.39 -5.89
CA VAL C 198 -19.53 -7.87 -4.52
C VAL C 198 -18.65 -9.11 -4.56
N VAL C 199 -17.63 -9.14 -3.71
CA VAL C 199 -16.71 -10.28 -3.68
C VAL C 199 -17.47 -11.53 -3.27
N SER C 200 -17.37 -12.59 -4.08
CA SER C 200 -18.09 -13.82 -3.85
C SER C 200 -17.16 -14.98 -3.50
N TRP C 201 -16.18 -15.28 -4.36
CA TRP C 201 -15.28 -16.40 -4.13
C TRP C 201 -14.10 -16.26 -5.10
N GLY C 202 -13.21 -17.25 -5.07
CA GLY C 202 -12.06 -17.28 -5.93
C GLY C 202 -11.21 -18.52 -5.74
N ASP C 203 -10.70 -19.08 -6.82
CA ASP C 203 -9.88 -20.29 -6.76
C ASP C 203 -8.52 -19.95 -6.18
N GLY C 204 -8.30 -20.32 -4.92
CA GLY C 204 -7.04 -20.05 -4.28
C GLY C 204 -6.88 -18.58 -3.91
N CYS C 205 -5.63 -18.20 -3.66
CA CYS C 205 -5.27 -16.82 -3.32
C CYS C 205 -4.33 -16.31 -4.40
N ALA C 206 -4.89 -15.55 -5.36
CA ALA C 206 -4.14 -14.98 -6.46
C ALA C 206 -3.39 -16.05 -7.24
N GLN C 207 -4.13 -17.06 -7.68
CA GLN C 207 -3.53 -18.15 -8.45
C GLN C 207 -3.36 -17.74 -9.90
N LYS C 208 -2.57 -18.53 -10.63
CA LYS C 208 -2.31 -18.25 -12.03
C LYS C 208 -3.58 -18.46 -12.86
N ASN C 209 -3.92 -17.47 -13.67
CA ASN C 209 -5.10 -17.50 -14.55
C ASN C 209 -6.39 -17.67 -13.75
N LYS C 210 -6.41 -17.17 -12.51
CA LYS C 210 -7.57 -17.29 -11.63
C LYS C 210 -7.90 -15.92 -11.06
N PRO C 211 -8.60 -15.09 -11.83
CA PRO C 211 -9.02 -13.77 -11.32
C PRO C 211 -10.15 -13.91 -10.31
N GLY C 212 -10.43 -12.79 -9.63
CA GLY C 212 -11.47 -12.79 -8.63
C GLY C 212 -12.86 -12.83 -9.26
N VAL C 213 -13.78 -13.52 -8.58
CA VAL C 213 -15.16 -13.64 -9.03
C VAL C 213 -16.01 -12.69 -8.21
N TYR C 214 -16.82 -11.87 -8.90
CA TYR C 214 -17.63 -10.85 -8.25
C TYR C 214 -19.06 -10.92 -8.76
N THR C 215 -20.01 -10.76 -7.85
CA THR C 215 -21.43 -10.80 -8.21
C THR C 215 -21.90 -9.43 -8.65
N LYS C 216 -22.58 -9.37 -9.79
CA LYS C 216 -23.05 -8.10 -10.34
C LYS C 216 -24.32 -7.66 -9.61
N VAL C 217 -24.24 -6.51 -8.94
CA VAL C 217 -25.40 -5.98 -8.21
C VAL C 217 -26.40 -5.30 -9.15
N TYR C 218 -25.99 -5.00 -10.39
CA TYR C 218 -26.90 -4.37 -11.34
C TYR C 218 -28.10 -5.25 -11.65
N ASN C 219 -27.91 -6.57 -11.62
CA ASN C 219 -29.01 -7.51 -11.82
C ASN C 219 -29.87 -7.68 -10.59
N TYR C 220 -29.43 -7.18 -9.43
CA TYR C 220 -30.17 -7.31 -8.18
C TYR C 220 -30.58 -5.96 -7.60
N VAL C 221 -30.43 -4.88 -8.37
CA VAL C 221 -30.90 -3.57 -7.92
C VAL C 221 -32.39 -3.62 -7.60
N LYS C 222 -33.19 -4.17 -8.52
CA LYS C 222 -34.63 -4.24 -8.30
C LYS C 222 -34.97 -5.13 -7.11
N TRP C 223 -34.26 -6.25 -6.94
CA TRP C 223 -34.51 -7.12 -5.79
C TRP C 223 -34.18 -6.40 -4.48
N ILE C 224 -33.08 -5.65 -4.44
CA ILE C 224 -32.74 -4.91 -3.23
C ILE C 224 -33.79 -3.84 -2.94
N LYS C 225 -34.24 -3.14 -3.98
CA LYS C 225 -35.27 -2.11 -3.78
C LYS C 225 -36.56 -2.73 -3.26
N ASN C 226 -36.97 -3.87 -3.82
CA ASN C 226 -38.20 -4.51 -3.38
C ASN C 226 -38.07 -5.06 -1.97
N THR C 227 -36.88 -5.53 -1.60
CA THR C 227 -36.68 -6.04 -0.25
C THR C 227 -36.67 -4.91 0.78
N ILE C 228 -36.08 -3.77 0.43
CA ILE C 228 -36.06 -2.63 1.34
C ILE C 228 -37.46 -2.04 1.48
N ALA C 229 -38.19 -1.92 0.37
CA ALA C 229 -39.53 -1.34 0.42
C ALA C 229 -40.49 -2.23 1.21
N ALA C 230 -40.31 -3.55 1.14
CA ALA C 230 -41.21 -4.48 1.82
C ALA C 230 -40.79 -4.75 3.26
N ASN C 231 -39.67 -4.19 3.72
CA ASN C 231 -39.19 -4.42 5.08
C ASN C 231 -38.78 -3.13 5.79
N SER C 232 -39.13 -1.97 5.24
CA SER C 232 -38.79 -0.70 5.88
C SER C 232 -39.69 -0.44 7.08
#